data_4CV0
#
_entry.id   4CV0
#
_cell.length_a   76.970
_cell.length_b   113.080
_cell.length_c   117.700
_cell.angle_alpha   90.00
_cell.angle_beta   90.00
_cell.angle_gamma   90.00
#
_symmetry.space_group_name_H-M   'P 21 21 21'
#
loop_
_entity.id
_entity.type
_entity.pdbx_description
1 polymer 'ENOYL-[ACYL-CARRIER-PROTEIN] REDUCTASE [NADPH]'
2 non-polymer 'NADPH DIHYDRO-NICOTINAMIDE-ADENINE-DINUCLEOTIDE PHOSPHATE'
3 non-polymer 1-(3-amino-2-methylbenzyl)-4-[2-(thiophen-2-yl)ethoxy]pyridin-2(1H)-one
4 non-polymer 'SULFATE ION'
5 non-polymer 1,2-ETHANEDIOL
6 water water
#
_entity_poly.entity_id   1
_entity_poly.type   'polypeptide(L)'
_entity_poly.pdbx_seq_one_letter_code
;MKHHHHHHPMSDYDIPTTENLYFQGAMVNLENKTYVIMGIANKRSIAFGVAKVLDQLGAKLVFTYRKERSRKELEKLLEQ
LNQPEAHLYQIDVQSDEEVINGFEQIGKDVGNIDGVYHSIAFANMEDLRGRFSETSREGFLLAQDISSYSLTIVAHEAKK
LMPEGGSIVATTYLGGEFAVQNYNVMGVAKASLEANVKYLALDLGPDNIRVNAISAGPIRTLSAKGVGGFNTILKEIEER
APLKRNVDQVEVGKTAAYLLSDLSSGVTGENIHVDSGFHAIK
;
_entity_poly.pdbx_strand_id   A,B,C,D
#
loop_
_chem_comp.id
_chem_comp.type
_chem_comp.name
_chem_comp.formula
EDO non-polymer 1,2-ETHANEDIOL 'C2 H6 O2'
NDP non-polymer 'NADPH DIHYDRO-NICOTINAMIDE-ADENINE-DINUCLEOTIDE PHOSPHATE' 'C21 H30 N7 O17 P3'
PT6 non-polymer 1-(3-amino-2-methylbenzyl)-4-[2-(thiophen-2-yl)ethoxy]pyridin-2(1H)-one 'C19 H20 N2 O2 S'
SO4 non-polymer 'SULFATE ION' 'O4 S -2'
#
# COMPACT_ATOMS: atom_id res chain seq x y z
N ASN A 29 -26.02 -18.05 -9.22
CA ASN A 29 -26.20 -19.51 -9.46
C ASN A 29 -24.90 -20.31 -9.58
N LEU A 30 -24.64 -21.12 -8.56
CA LEU A 30 -23.48 -22.00 -8.53
C LEU A 30 -23.84 -23.47 -8.62
N GLU A 31 -25.01 -23.76 -9.20
CA GLU A 31 -25.38 -25.13 -9.55
C GLU A 31 -24.35 -25.63 -10.54
N ASN A 32 -24.09 -26.93 -10.54
CA ASN A 32 -23.02 -27.50 -11.39
C ASN A 32 -21.60 -27.05 -10.98
N LYS A 33 -21.47 -26.41 -9.81
CA LYS A 33 -20.17 -26.04 -9.21
C LYS A 33 -19.95 -26.82 -7.93
N THR A 34 -18.69 -27.14 -7.63
CA THR A 34 -18.30 -27.80 -6.38
C THR A 34 -17.12 -27.09 -5.71
N TYR A 35 -17.25 -26.75 -4.42
CA TYR A 35 -16.16 -26.10 -3.69
C TYR A 35 -15.76 -26.81 -2.43
N VAL A 36 -14.47 -26.72 -2.10
CA VAL A 36 -13.89 -27.32 -0.89
C VAL A 36 -13.71 -26.22 0.19
N ILE A 37 -14.39 -26.39 1.32
CA ILE A 37 -14.31 -25.40 2.40
C ILE A 37 -13.43 -25.95 3.52
N MET A 38 -12.37 -25.21 3.86
CA MET A 38 -11.43 -25.63 4.90
C MET A 38 -11.51 -24.71 6.11
N GLY A 39 -11.96 -25.26 7.24
CA GLY A 39 -11.85 -24.58 8.50
C GLY A 39 -13.13 -24.19 9.21
N ILE A 40 -14.20 -24.92 8.98
CA ILE A 40 -15.33 -24.84 9.89
C ILE A 40 -15.01 -25.60 11.15
N ALA A 41 -15.10 -24.93 12.30
CA ALA A 41 -15.09 -25.61 13.59
C ALA A 41 -16.47 -25.70 14.23
N ASN A 42 -17.30 -24.66 14.07
CA ASN A 42 -18.66 -24.62 14.61
C ASN A 42 -19.56 -23.59 13.89
N LYS A 43 -20.78 -23.44 14.40
CA LYS A 43 -21.79 -22.49 13.90
C LYS A 43 -21.27 -21.07 13.61
N ARG A 44 -20.29 -20.63 14.42
CA ARG A 44 -19.78 -19.27 14.36
C ARG A 44 -18.54 -19.07 13.47
N SER A 45 -17.90 -20.17 13.06
CA SER A 45 -16.77 -20.13 12.11
C SER A 45 -17.00 -19.17 10.95
N ILE A 46 -15.94 -18.52 10.46
CA ILE A 46 -16.08 -17.73 9.22
C ILE A 46 -16.48 -18.66 8.09
N ALA A 47 -16.02 -19.89 8.15
CA ALA A 47 -16.14 -20.77 6.98
C ALA A 47 -17.56 -21.24 6.79
N PHE A 48 -18.33 -21.21 7.88
CA PHE A 48 -19.70 -21.63 7.80
C PHE A 48 -20.54 -20.52 7.19
N GLY A 49 -20.13 -19.28 7.42
CA GLY A 49 -20.67 -18.12 6.70
C GLY A 49 -20.55 -18.33 5.19
N VAL A 50 -19.34 -18.64 4.76
CA VAL A 50 -19.10 -18.99 3.37
C VAL A 50 -19.98 -20.19 2.90
N ALA A 51 -20.05 -21.24 3.72
CA ALA A 51 -20.82 -22.41 3.33
C ALA A 51 -22.28 -22.08 3.07
N LYS A 52 -22.93 -21.43 4.03
CA LYS A 52 -24.33 -21.07 3.87
C LYS A 52 -24.62 -20.34 2.58
N VAL A 53 -23.75 -19.39 2.23
CA VAL A 53 -24.01 -18.51 1.11
C VAL A 53 -23.98 -19.29 -0.18
N LEU A 54 -22.92 -20.11 -0.28
CA LEU A 54 -22.66 -20.96 -1.44
C LEU A 54 -23.67 -22.09 -1.58
N ASP A 55 -24.13 -22.64 -0.47
CA ASP A 55 -25.17 -23.69 -0.52
C ASP A 55 -26.47 -23.06 -1.03
N GLN A 56 -26.84 -21.92 -0.44
CA GLN A 56 -27.98 -21.13 -0.92
C GLN A 56 -27.97 -20.98 -2.43
N LEU A 57 -26.77 -20.88 -2.99
CA LEU A 57 -26.61 -20.57 -4.42
C LEU A 57 -26.51 -21.84 -5.30
N GLY A 58 -26.70 -23.00 -4.66
CA GLY A 58 -26.81 -24.29 -5.33
C GLY A 58 -25.49 -25.04 -5.49
N ALA A 59 -24.41 -24.54 -4.90
CA ALA A 59 -23.13 -25.23 -5.05
C ALA A 59 -23.06 -26.57 -4.29
N LYS A 60 -22.29 -27.51 -4.84
CA LYS A 60 -21.94 -28.69 -4.07
C LYS A 60 -20.78 -28.34 -3.17
N LEU A 61 -20.73 -28.92 -1.98
CA LEU A 61 -19.69 -28.58 -1.05
C LEU A 61 -19.01 -29.78 -0.40
N VAL A 62 -17.71 -29.62 -0.23
CA VAL A 62 -16.82 -30.61 0.34
C VAL A 62 -16.17 -29.97 1.56
N PHE A 63 -16.16 -30.66 2.70
CA PHE A 63 -15.62 -30.01 3.90
C PHE A 63 -14.42 -30.74 4.44
N THR A 64 -13.48 -29.99 5.00
CA THR A 64 -12.37 -30.60 5.71
C THR A 64 -12.30 -30.11 7.13
N TYR A 65 -11.73 -30.93 8.01
CA TYR A 65 -11.58 -30.56 9.40
C TYR A 65 -10.25 -31.05 9.95
N ARG A 66 -9.92 -30.64 11.18
CA ARG A 66 -8.75 -31.17 11.90
C ARG A 66 -9.16 -32.08 13.05
N LYS A 67 -10.02 -31.58 13.92
CA LYS A 67 -10.37 -32.28 15.15
C LYS A 67 -11.58 -33.20 14.96
N GLU A 68 -11.60 -34.26 15.77
CA GLU A 68 -12.77 -35.12 15.97
CA GLU A 68 -12.77 -35.11 15.96
C GLU A 68 -13.97 -34.24 16.35
N ARG A 69 -13.73 -33.38 17.35
CA ARG A 69 -14.65 -32.36 17.79
C ARG A 69 -15.38 -31.71 16.62
N SER A 70 -14.61 -31.05 15.74
CA SER A 70 -15.15 -30.28 14.61
C SER A 70 -15.89 -31.14 13.57
N ARG A 71 -15.89 -32.46 13.75
CA ARG A 71 -16.56 -33.36 12.83
C ARG A 71 -18.02 -33.60 13.24
N LYS A 72 -18.24 -34.10 14.46
CA LYS A 72 -19.60 -34.28 14.99
C LYS A 72 -20.36 -32.97 14.80
N GLU A 73 -19.62 -31.87 14.89
CA GLU A 73 -20.09 -30.53 14.58
C GLU A 73 -20.45 -30.38 13.10
N LEU A 74 -19.49 -30.72 12.24
CA LEU A 74 -19.71 -30.60 10.80
C LEU A 74 -20.97 -31.35 10.37
N GLU A 75 -21.23 -32.50 10.98
CA GLU A 75 -22.36 -33.34 10.60
C GLU A 75 -23.67 -32.69 10.97
N LYS A 76 -23.72 -32.12 12.18
CA LYS A 76 -24.85 -31.36 12.68
C LYS A 76 -25.19 -30.18 11.76
N LEU A 77 -24.20 -29.35 11.46
CA LEU A 77 -24.42 -28.12 10.67
C LEU A 77 -24.98 -28.40 9.28
N LEU A 78 -24.51 -29.46 8.67
CA LEU A 78 -25.03 -29.97 7.40
C LEU A 78 -26.56 -30.13 7.39
N GLU A 79 -27.19 -30.19 8.54
CA GLU A 79 -28.63 -30.34 8.57
C GLU A 79 -29.32 -29.04 8.22
N GLN A 80 -28.63 -27.93 8.42
CA GLN A 80 -29.10 -26.59 8.04
C GLN A 80 -28.85 -26.28 6.57
N LEU A 81 -28.13 -27.15 5.89
CA LEU A 81 -27.73 -26.93 4.50
C LEU A 81 -28.43 -27.88 3.55
N ASN A 82 -28.54 -27.47 2.29
CA ASN A 82 -29.08 -28.32 1.24
CA ASN A 82 -29.09 -28.39 1.30
C ASN A 82 -27.93 -29.13 0.64
N GLN A 83 -27.42 -30.12 1.34
CA GLN A 83 -26.38 -30.99 0.81
C GLN A 83 -26.83 -32.41 1.06
N PRO A 84 -27.37 -33.07 0.02
CA PRO A 84 -27.84 -34.44 0.16
C PRO A 84 -26.74 -35.42 0.61
N GLU A 85 -25.49 -35.11 0.29
CA GLU A 85 -24.39 -35.95 0.71
C GLU A 85 -23.37 -35.21 1.55
N ALA A 86 -23.11 -35.73 2.74
CA ALA A 86 -22.04 -35.20 3.56
C ALA A 86 -20.69 -35.72 3.04
N HIS A 87 -19.87 -34.85 2.46
CA HIS A 87 -18.48 -35.18 2.13
C HIS A 87 -17.47 -34.46 3.05
N LEU A 88 -17.02 -35.18 4.08
CA LEU A 88 -16.14 -34.61 5.09
C LEU A 88 -14.83 -35.38 5.17
N TYR A 89 -13.72 -34.64 5.23
CA TYR A 89 -12.39 -35.23 5.22
C TYR A 89 -11.53 -34.59 6.28
N GLN A 90 -10.96 -35.44 7.13
CA GLN A 90 -10.02 -35.01 8.13
C GLN A 90 -8.70 -34.65 7.47
N ILE A 91 -8.36 -33.36 7.46
CA ILE A 91 -7.04 -32.93 7.01
C ILE A 91 -6.42 -31.96 8.04
N ASP A 92 -5.35 -32.40 8.69
CA ASP A 92 -4.48 -31.52 9.48
C ASP A 92 -3.39 -30.92 8.57
N VAL A 93 -3.45 -29.59 8.33
CA VAL A 93 -2.57 -28.96 7.32
C VAL A 93 -1.06 -28.91 7.69
N GLN A 94 -0.73 -29.45 8.87
CA GLN A 94 0.66 -29.57 9.30
C GLN A 94 1.35 -30.75 8.69
N SER A 95 0.54 -31.64 8.13
CA SER A 95 0.97 -32.89 7.55
C SER A 95 0.91 -32.78 6.03
N ASP A 96 2.05 -32.98 5.38
CA ASP A 96 2.09 -33.10 3.91
C ASP A 96 1.24 -34.31 3.46
N GLU A 97 1.43 -35.46 4.10
CA GLU A 97 0.65 -36.65 3.77
C GLU A 97 -0.87 -36.42 3.86
N GLU A 98 -1.31 -35.87 4.97
CA GLU A 98 -2.73 -35.68 5.15
C GLU A 98 -3.33 -34.75 4.08
N VAL A 99 -2.54 -33.82 3.52
CA VAL A 99 -3.04 -32.89 2.49
C VAL A 99 -2.99 -33.51 1.08
N ILE A 100 -1.89 -34.15 0.74
CA ILE A 100 -1.85 -34.95 -0.49
C ILE A 100 -2.97 -36.01 -0.54
N ASN A 101 -3.04 -36.88 0.45
CA ASN A 101 -4.03 -37.98 0.45
C ASN A 101 -5.49 -37.51 0.66
N GLY A 102 -5.68 -36.29 1.17
CA GLY A 102 -7.02 -35.77 1.38
C GLY A 102 -7.60 -35.28 0.06
N PHE A 103 -6.91 -34.37 -0.60
CA PHE A 103 -7.32 -33.91 -1.94
C PHE A 103 -7.48 -35.03 -2.96
N GLU A 104 -6.67 -36.08 -2.82
CA GLU A 104 -6.77 -37.26 -3.69
C GLU A 104 -8.08 -38.04 -3.44
N GLN A 105 -8.48 -38.14 -2.17
CA GLN A 105 -9.76 -38.79 -1.82
C GLN A 105 -10.98 -37.94 -2.27
N ILE A 106 -10.94 -36.63 -2.00
CA ILE A 106 -11.94 -35.71 -2.51
C ILE A 106 -12.16 -35.99 -4.00
N GLY A 107 -11.08 -35.99 -4.78
CA GLY A 107 -11.11 -36.20 -6.23
C GLY A 107 -11.64 -37.53 -6.72
N LYS A 108 -11.23 -38.61 -6.07
CA LYS A 108 -11.85 -39.89 -6.33
C LYS A 108 -13.33 -39.71 -5.99
N ASP A 109 -13.61 -39.26 -4.77
CA ASP A 109 -14.99 -39.30 -4.27
C ASP A 109 -15.96 -38.36 -4.96
N VAL A 110 -15.52 -37.17 -5.36
CA VAL A 110 -16.44 -36.22 -5.97
C VAL A 110 -16.07 -35.78 -7.36
N GLY A 111 -14.76 -35.80 -7.67
CA GLY A 111 -14.23 -35.43 -9.00
C GLY A 111 -13.50 -34.10 -9.02
N ASN A 112 -13.51 -33.41 -10.15
CA ASN A 112 -13.00 -32.03 -10.20
C ASN A 112 -13.84 -31.03 -9.40
N ILE A 113 -13.16 -30.02 -8.86
CA ILE A 113 -13.79 -28.96 -8.10
C ILE A 113 -13.63 -27.65 -8.85
N ASP A 114 -14.28 -26.62 -8.37
CA ASP A 114 -14.17 -25.31 -8.99
C ASP A 114 -13.33 -24.35 -8.17
N GLY A 115 -13.01 -24.73 -6.94
CA GLY A 115 -12.16 -23.94 -6.13
C GLY A 115 -12.22 -24.33 -4.67
N VAL A 116 -11.53 -23.51 -3.85
CA VAL A 116 -11.25 -23.84 -2.44
C VAL A 116 -11.35 -22.60 -1.55
N TYR A 117 -12.12 -22.70 -0.46
CA TYR A 117 -12.07 -21.70 0.60
C TYR A 117 -11.18 -22.11 1.79
N HIS A 118 -10.14 -21.32 2.00
CA HIS A 118 -9.13 -21.59 3.02
C HIS A 118 -9.41 -20.63 4.15
N SER A 119 -9.79 -21.18 5.30
CA SER A 119 -10.13 -20.37 6.47
C SER A 119 -9.36 -20.92 7.66
N ILE A 120 -8.07 -21.14 7.48
CA ILE A 120 -7.27 -21.79 8.51
C ILE A 120 -6.13 -20.90 9.01
N ALA A 121 -6.08 -20.77 10.34
CA ALA A 121 -4.97 -20.11 11.01
C ALA A 121 -4.78 -20.69 12.41
N PHE A 122 -3.59 -20.46 12.99
CA PHE A 122 -3.30 -20.74 14.41
C PHE A 122 -2.08 -19.95 14.94
N ALA A 123 -2.18 -19.48 16.18
CA ALA A 123 -1.01 -19.03 16.94
C ALA A 123 -1.23 -19.33 18.40
N ASN A 124 -0.13 -19.63 19.10
CA ASN A 124 -0.12 -19.90 20.54
CA ASN A 124 -0.16 -19.91 20.53
C ASN A 124 -0.59 -18.67 21.30
N MET A 125 -1.59 -18.85 22.16
CA MET A 125 -2.10 -17.81 23.06
CA MET A 125 -2.08 -17.76 22.99
C MET A 125 -0.93 -17.07 23.72
N GLU A 126 0.00 -17.85 24.28
CA GLU A 126 1.14 -17.36 25.05
CA GLU A 126 1.14 -17.35 25.06
C GLU A 126 1.92 -16.24 24.34
N ASP A 127 2.04 -16.34 23.02
CA ASP A 127 2.82 -15.34 22.24
C ASP A 127 2.09 -14.07 21.91
N LEU A 128 0.77 -14.12 21.82
CA LEU A 128 -0.05 -12.95 21.51
C LEU A 128 -0.32 -12.07 22.73
N ARG A 129 -0.16 -12.60 23.94
CA ARG A 129 -0.29 -11.72 25.11
C ARG A 129 1.09 -11.26 25.67
N GLY A 130 2.15 -11.87 25.16
CA GLY A 130 3.50 -11.38 25.40
C GLY A 130 3.78 -10.23 24.46
N ARG A 131 4.90 -9.56 24.70
CA ARG A 131 5.42 -8.55 23.78
C ARG A 131 5.90 -9.26 22.52
N PHE A 132 5.66 -8.67 21.34
CA PHE A 132 6.06 -9.29 20.09
C PHE A 132 7.54 -9.61 20.03
N SER A 133 8.38 -8.82 20.71
CA SER A 133 9.84 -9.04 20.67
C SER A 133 10.21 -10.28 21.53
N GLU A 134 9.28 -10.76 22.33
CA GLU A 134 9.54 -11.95 23.11
C GLU A 134 9.03 -13.23 22.45
N THR A 135 8.60 -13.16 21.20
CA THR A 135 7.97 -14.35 20.62
C THR A 135 8.97 -15.47 20.49
N SER A 136 8.56 -16.67 20.89
CA SER A 136 9.35 -17.87 20.74
C SER A 136 9.51 -18.15 19.25
N ARG A 137 10.68 -18.68 18.88
CA ARG A 137 10.91 -19.21 17.53
C ARG A 137 9.85 -20.26 17.14
N GLU A 138 9.58 -21.24 18.01
CA GLU A 138 8.66 -22.33 17.63
C GLU A 138 7.25 -21.82 17.42
N GLY A 139 6.84 -20.89 18.28
CA GLY A 139 5.58 -20.17 18.15
C GLY A 139 5.48 -19.46 16.84
N PHE A 140 6.53 -18.74 16.47
CA PHE A 140 6.57 -17.94 15.22
C PHE A 140 6.48 -18.87 13.99
N LEU A 141 7.22 -19.97 14.01
CA LEU A 141 7.29 -20.85 12.84
C LEU A 141 6.02 -21.68 12.69
N LEU A 142 5.40 -21.98 13.82
CA LEU A 142 4.17 -22.74 13.82
C LEU A 142 3.00 -21.91 13.28
N ALA A 143 2.84 -20.70 13.78
CA ALA A 143 1.94 -19.75 13.14
C ALA A 143 2.21 -19.61 11.59
N GLN A 144 3.47 -19.52 11.20
CA GLN A 144 3.75 -19.52 9.76
C GLN A 144 3.31 -20.80 9.03
N ASP A 145 3.51 -21.93 9.69
CA ASP A 145 3.25 -23.22 9.09
C ASP A 145 1.75 -23.30 8.74
N ILE A 146 0.90 -23.03 9.74
CA ILE A 146 -0.54 -23.33 9.64
C ILE A 146 -1.26 -22.21 8.94
N SER A 147 -0.77 -20.97 9.10
CA SER A 147 -1.53 -19.82 8.62
C SER A 147 -1.15 -19.39 7.22
N SER A 148 0.04 -19.78 6.75
CA SER A 148 0.54 -19.28 5.46
C SER A 148 0.97 -20.41 4.57
N TYR A 149 1.91 -21.21 5.07
CA TYR A 149 2.37 -22.28 4.20
C TYR A 149 1.27 -23.25 3.84
N SER A 150 0.24 -23.40 4.66
CA SER A 150 -0.76 -24.43 4.37
C SER A 150 -1.52 -24.13 3.08
N LEU A 151 -1.65 -22.86 2.73
CA LEU A 151 -2.31 -22.40 1.51
C LEU A 151 -1.52 -22.87 0.30
N THR A 152 -0.20 -22.70 0.34
CA THR A 152 0.72 -23.16 -0.74
C THR A 152 0.58 -24.66 -1.05
N ILE A 153 0.69 -25.51 -0.05
CA ILE A 153 0.51 -26.94 -0.32
C ILE A 153 -0.93 -27.25 -0.73
N VAL A 154 -1.90 -26.51 -0.14
CA VAL A 154 -3.30 -26.68 -0.48
C VAL A 154 -3.51 -26.35 -1.95
N ALA A 155 -2.95 -25.23 -2.40
CA ALA A 155 -3.08 -24.85 -3.78
C ALA A 155 -2.50 -25.89 -4.71
N HIS A 156 -1.27 -26.34 -4.43
CA HIS A 156 -0.61 -27.30 -5.26
C HIS A 156 -1.42 -28.60 -5.37
N GLU A 157 -2.04 -29.05 -4.28
CA GLU A 157 -2.83 -30.29 -4.38
C GLU A 157 -4.22 -30.07 -4.97
N ALA A 158 -4.82 -28.90 -4.73
CA ALA A 158 -6.17 -28.60 -5.27
C ALA A 158 -6.19 -28.30 -6.79
N LYS A 159 -5.02 -27.88 -7.30
CA LYS A 159 -4.80 -27.59 -8.70
CA LYS A 159 -4.75 -27.60 -8.71
C LYS A 159 -5.01 -28.87 -9.47
N LYS A 160 -4.63 -29.99 -8.85
CA LYS A 160 -4.79 -31.29 -9.47
C LYS A 160 -6.21 -31.60 -9.88
N LEU A 161 -7.18 -31.04 -9.13
CA LEU A 161 -8.61 -31.24 -9.36
C LEU A 161 -9.27 -30.05 -10.09
N MET A 162 -8.43 -29.20 -10.66
CA MET A 162 -8.91 -28.02 -11.36
C MET A 162 -8.31 -27.88 -12.75
N PRO A 163 -8.54 -28.89 -13.62
CA PRO A 163 -7.92 -28.90 -14.96
C PRO A 163 -8.33 -27.76 -15.90
N GLU A 164 -9.50 -27.17 -15.66
CA GLU A 164 -9.99 -26.13 -16.54
C GLU A 164 -9.84 -24.77 -15.86
N GLY A 165 -9.28 -24.78 -14.65
CA GLY A 165 -9.14 -23.57 -13.86
C GLY A 165 -10.09 -23.54 -12.67
N GLY A 166 -10.13 -22.39 -12.00
CA GLY A 166 -10.96 -22.24 -10.80
C GLY A 166 -10.41 -21.13 -9.93
N SER A 167 -10.68 -21.19 -8.63
CA SER A 167 -10.44 -20.03 -7.77
C SER A 167 -10.10 -20.46 -6.33
N ILE A 168 -9.09 -19.85 -5.75
CA ILE A 168 -8.69 -20.19 -4.41
C ILE A 168 -8.73 -18.89 -3.61
N VAL A 169 -9.39 -18.94 -2.44
CA VAL A 169 -9.62 -17.81 -1.53
C VAL A 169 -9.13 -18.10 -0.11
N ALA A 170 -8.32 -17.20 0.44
CA ALA A 170 -7.84 -17.32 1.81
C ALA A 170 -8.33 -16.13 2.64
N THR A 171 -8.42 -16.30 3.96
CA THR A 171 -9.00 -15.25 4.88
C THR A 171 -7.90 -14.62 5.67
N THR A 172 -7.82 -13.31 5.62
CA THR A 172 -6.77 -12.58 6.32
C THR A 172 -7.36 -11.47 7.20
N TYR A 173 -6.47 -10.86 7.97
CA TYR A 173 -6.82 -9.73 8.79
C TYR A 173 -5.89 -8.53 8.52
N LEU A 174 -6.43 -7.32 8.66
CA LEU A 174 -5.70 -6.07 8.49
C LEU A 174 -4.37 -6.00 9.27
N GLY A 175 -4.26 -6.77 10.35
CA GLY A 175 -3.00 -6.94 11.08
C GLY A 175 -1.81 -7.45 10.24
N GLY A 176 -2.08 -7.94 9.03
CA GLY A 176 -1.02 -8.34 8.13
C GLY A 176 -0.46 -7.22 7.29
N GLU A 177 -1.14 -6.07 7.19
CA GLU A 177 -0.62 -4.92 6.45
C GLU A 177 -0.04 -3.83 7.36
N PHE A 178 -0.54 -3.77 8.59
CA PHE A 178 -0.26 -2.68 9.54
C PHE A 178 -0.17 -3.30 10.93
N ALA A 179 0.61 -2.72 11.85
CA ALA A 179 0.79 -3.30 13.16
C ALA A 179 -0.42 -2.96 14.04
N VAL A 180 -1.10 -4.00 14.49
CA VAL A 180 -2.34 -3.89 15.27
C VAL A 180 -1.94 -4.37 16.66
N GLN A 181 -2.01 -3.52 17.67
CA GLN A 181 -1.87 -3.93 19.07
C GLN A 181 -2.34 -5.34 19.42
N ASN A 182 -1.45 -6.15 19.99
CA ASN A 182 -1.78 -7.51 20.49
C ASN A 182 -1.98 -8.61 19.42
N TYR A 183 -2.05 -8.24 18.13
CA TYR A 183 -2.13 -9.25 17.09
C TYR A 183 -0.77 -9.92 16.88
N ASN A 184 0.30 -9.17 17.14
CA ASN A 184 1.67 -9.71 17.24
C ASN A 184 2.02 -10.74 16.15
N VAL A 185 2.33 -11.99 16.53
CA VAL A 185 2.87 -12.99 15.62
C VAL A 185 1.88 -13.35 14.52
N MET A 186 0.61 -13.11 14.78
CA MET A 186 -0.38 -13.58 13.82
C MET A 186 -0.38 -12.57 12.67
N GLY A 187 -0.09 -11.30 13.00
CA GLY A 187 0.05 -10.27 11.99
C GLY A 187 1.17 -10.66 11.02
N VAL A 188 2.32 -11.07 11.58
CA VAL A 188 3.45 -11.44 10.73
C VAL A 188 3.03 -12.63 9.82
N ALA A 189 2.30 -13.59 10.40
CA ALA A 189 1.87 -14.74 9.65
C ALA A 189 0.90 -14.32 8.51
N LYS A 190 -0.01 -13.41 8.82
CA LYS A 190 -0.94 -12.88 7.83
C LYS A 190 -0.25 -12.07 6.68
N ALA A 191 0.87 -11.45 6.97
CA ALA A 191 1.65 -10.71 6.00
C ALA A 191 2.23 -11.69 4.96
N SER A 192 2.75 -12.78 5.50
CA SER A 192 3.28 -13.89 4.74
C SER A 192 2.20 -14.56 3.88
N LEU A 193 0.97 -14.60 4.40
CA LEU A 193 -0.18 -15.17 3.67
C LEU A 193 -0.61 -14.27 2.54
N GLU A 194 -0.49 -12.98 2.71
CA GLU A 194 -0.91 -12.06 1.66
C GLU A 194 0.06 -12.12 0.52
N ALA A 195 1.35 -12.18 0.84
CA ALA A 195 2.41 -12.45 -0.15
C ALA A 195 2.28 -13.81 -0.87
N ASN A 196 2.11 -14.85 -0.09
CA ASN A 196 1.81 -16.18 -0.59
C ASN A 196 0.67 -16.14 -1.64
N VAL A 197 -0.40 -15.42 -1.32
CA VAL A 197 -1.51 -15.28 -2.24
C VAL A 197 -1.08 -14.61 -3.53
N LYS A 198 -0.22 -13.61 -3.45
CA LYS A 198 0.29 -12.95 -4.63
C LYS A 198 1.14 -13.89 -5.51
N TYR A 199 2.09 -14.61 -4.89
CA TYR A 199 2.96 -15.53 -5.64
C TYR A 199 2.23 -16.72 -6.26
N LEU A 200 1.31 -17.32 -5.50
CA LEU A 200 0.41 -18.30 -6.03
C LEU A 200 -0.38 -17.71 -7.21
N ALA A 201 -0.85 -16.48 -7.06
CA ALA A 201 -1.61 -15.88 -8.15
C ALA A 201 -0.82 -15.92 -9.47
N LEU A 202 0.43 -15.51 -9.41
CA LEU A 202 1.24 -15.37 -10.59
C LEU A 202 1.72 -16.73 -11.08
N ASP A 203 1.85 -17.69 -10.17
CA ASP A 203 2.23 -19.05 -10.54
C ASP A 203 1.11 -19.80 -11.26
N LEU A 204 -0.12 -19.63 -10.76
CA LEU A 204 -1.22 -20.48 -11.18
C LEU A 204 -2.15 -19.77 -12.10
N GLY A 205 -1.84 -18.50 -12.38
CA GLY A 205 -2.56 -17.70 -13.38
C GLY A 205 -2.60 -18.31 -14.79
N PRO A 206 -1.43 -18.64 -15.38
CA PRO A 206 -1.43 -19.37 -16.67
C PRO A 206 -2.18 -20.73 -16.63
N ASP A 207 -2.38 -21.34 -15.46
CA ASP A 207 -3.35 -22.45 -15.36
C ASP A 207 -4.82 -22.06 -15.13
N ASN A 208 -5.15 -20.78 -15.24
CA ASN A 208 -6.51 -20.28 -15.03
C ASN A 208 -7.03 -20.54 -13.60
N ILE A 209 -6.10 -20.58 -12.64
CA ILE A 209 -6.50 -20.60 -11.26
C ILE A 209 -6.21 -19.22 -10.72
N ARG A 210 -7.28 -18.59 -10.17
CA ARG A 210 -7.22 -17.25 -9.59
C ARG A 210 -7.09 -17.42 -8.10
N VAL A 211 -6.28 -16.56 -7.47
CA VAL A 211 -6.02 -16.67 -6.03
C VAL A 211 -6.13 -15.29 -5.38
N ASN A 212 -6.95 -15.20 -4.34
CA ASN A 212 -7.32 -13.93 -3.71
C ASN A 212 -7.50 -14.14 -2.23
N ALA A 213 -7.63 -13.03 -1.49
CA ALA A 213 -7.90 -13.08 -0.08
C ALA A 213 -9.07 -12.21 0.31
N ILE A 214 -9.75 -12.59 1.39
CA ILE A 214 -10.68 -11.68 2.01
C ILE A 214 -10.11 -11.17 3.36
N SER A 215 -10.02 -9.86 3.51
CA SER A 215 -9.51 -9.35 4.76
C SER A 215 -10.73 -9.07 5.61
N ALA A 216 -11.11 -10.05 6.44
CA ALA A 216 -12.26 -9.90 7.33
C ALA A 216 -12.00 -8.92 8.48
N GLY A 217 -13.01 -8.11 8.80
CA GLY A 217 -13.00 -7.29 10.01
C GLY A 217 -13.22 -8.24 11.18
N PRO A 218 -13.00 -7.77 12.43
CA PRO A 218 -13.13 -8.65 13.60
C PRO A 218 -14.51 -9.29 13.74
N ILE A 219 -14.50 -10.58 14.07
CA ILE A 219 -15.70 -11.39 14.24
C ILE A 219 -15.64 -12.37 15.44
N ARG A 220 -16.72 -12.37 16.23
CA ARG A 220 -16.85 -13.25 17.40
C ARG A 220 -16.95 -14.72 17.11
N THR A 221 -15.83 -15.32 16.73
CA THR A 221 -15.75 -16.76 16.43
C THR A 221 -15.11 -17.48 17.64
N LEU A 222 -15.12 -18.80 17.63
CA LEU A 222 -14.43 -19.61 18.66
C LEU A 222 -12.97 -19.13 18.81
N SER A 223 -12.35 -18.68 17.73
CA SER A 223 -10.99 -18.12 17.81
C SER A 223 -10.85 -16.80 18.56
N ALA A 224 -11.81 -15.88 18.39
CA ALA A 224 -11.76 -14.58 19.05
C ALA A 224 -11.83 -14.72 20.56
N LYS A 225 -12.37 -15.86 20.97
CA LYS A 225 -12.78 -16.07 22.34
C LYS A 225 -11.73 -15.71 23.36
N GLY A 226 -10.54 -16.29 23.23
N GLY A 226 -10.53 -16.29 23.22
CA GLY A 226 -9.45 -16.10 24.19
CA GLY A 226 -9.48 -16.13 24.23
C GLY A 226 -9.00 -14.66 24.35
C GLY A 226 -8.45 -15.06 23.96
N VAL A 227 -8.54 -14.08 23.25
N VAL A 227 -8.48 -14.46 22.77
CA VAL A 227 -8.01 -12.71 23.31
CA VAL A 227 -7.44 -13.50 22.38
C VAL A 227 -8.80 -11.73 24.20
C VAL A 227 -7.61 -12.14 23.04
N GLY A 228 -8.10 -11.19 25.19
N GLY A 228 -6.52 -11.61 23.59
CA GLY A 228 -8.73 -10.30 26.15
CA GLY A 228 -6.55 -10.26 24.14
C GLY A 228 -9.15 -9.02 25.48
C GLY A 228 -6.41 -9.21 23.06
N GLY A 229 -10.26 -8.46 25.95
N GLY A 229 -7.11 -8.09 23.20
CA GLY A 229 -10.75 -7.19 25.44
CA GLY A 229 -7.10 -7.03 22.21
C GLY A 229 -10.77 -7.14 23.93
C GLY A 229 -8.29 -7.06 21.26
N PHE A 230 -10.63 -8.28 23.27
N PHE A 230 -9.29 -7.90 21.55
CA PHE A 230 -10.79 -8.33 21.82
CA PHE A 230 -10.42 -8.08 20.63
C PHE A 230 -12.08 -7.60 21.55
C PHE A 230 -11.69 -7.25 20.94
N ASN A 231 -12.87 -7.45 22.60
N ASN A 231 -12.37 -7.56 22.04
CA ASN A 231 -14.12 -6.71 22.52
CA ASN A 231 -13.67 -6.96 22.41
C ASN A 231 -13.90 -5.24 22.19
C ASN A 231 -13.79 -5.42 22.27
N THR A 232 -12.64 -4.78 22.11
CA THR A 232 -12.42 -3.34 22.06
C THR A 232 -11.93 -2.84 20.74
N ILE A 233 -11.33 -3.70 19.93
CA ILE A 233 -11.23 -3.34 18.52
C ILE A 233 -12.63 -3.55 17.92
N LEU A 234 -13.41 -4.46 18.51
CA LEU A 234 -14.84 -4.59 18.20
C LEU A 234 -15.60 -3.30 18.41
N LYS A 235 -15.45 -2.71 19.59
CA LYS A 235 -16.11 -1.47 19.89
C LYS A 235 -15.53 -0.37 19.00
N GLU A 236 -14.22 -0.43 18.75
CA GLU A 236 -13.56 0.60 17.97
C GLU A 236 -14.15 0.67 16.58
N ILE A 237 -14.35 -0.50 15.94
CA ILE A 237 -14.99 -0.59 14.64
C ILE A 237 -16.36 0.09 14.59
N GLU A 238 -17.20 -0.14 15.62
CA GLU A 238 -18.54 0.46 15.68
C GLU A 238 -18.43 1.96 15.65
N GLU A 239 -17.43 2.50 16.34
CA GLU A 239 -17.32 3.91 16.54
C GLU A 239 -16.66 4.60 15.37
N ARG A 240 -15.78 3.90 14.66
CA ARG A 240 -14.85 4.58 13.76
CA ARG A 240 -14.84 4.58 13.76
C ARG A 240 -14.91 4.15 12.28
N ALA A 241 -15.30 2.91 12.00
CA ALA A 241 -15.40 2.44 10.61
C ALA A 241 -16.42 3.32 9.86
N PRO A 242 -16.26 3.48 8.55
CA PRO A 242 -17.23 4.20 7.74
C PRO A 242 -18.67 3.75 7.95
N LEU A 243 -18.93 2.44 7.97
CA LEU A 243 -20.29 1.94 8.13
C LEU A 243 -20.75 1.89 9.59
N LYS A 244 -19.86 2.24 10.50
CA LYS A 244 -20.23 2.29 11.93
C LYS A 244 -20.91 1.02 12.45
N ARG A 245 -20.53 -0.14 11.88
CA ARG A 245 -20.97 -1.42 12.41
C ARG A 245 -19.91 -2.50 12.23
N ASN A 246 -20.04 -3.61 12.94
CA ASN A 246 -19.16 -4.74 12.65
C ASN A 246 -19.73 -5.65 11.58
N VAL A 247 -18.88 -6.35 10.82
CA VAL A 247 -19.37 -7.18 9.71
C VAL A 247 -19.72 -8.52 10.28
N ASP A 248 -20.40 -9.38 9.51
CA ASP A 248 -20.64 -10.76 9.95
C ASP A 248 -20.10 -11.86 9.00
N GLN A 249 -20.17 -13.12 9.45
CA GLN A 249 -19.63 -14.24 8.66
C GLN A 249 -20.24 -14.36 7.25
N VAL A 250 -21.55 -14.19 7.16
CA VAL A 250 -22.33 -14.21 5.92
C VAL A 250 -21.89 -13.10 4.95
N GLU A 251 -21.38 -11.97 5.47
CA GLU A 251 -20.91 -10.88 4.61
C GLU A 251 -19.56 -11.29 3.99
N VAL A 252 -18.75 -12.00 4.76
CA VAL A 252 -17.58 -12.65 4.23
C VAL A 252 -17.99 -13.62 3.13
N GLY A 253 -18.94 -14.50 3.42
CA GLY A 253 -19.33 -15.53 2.46
C GLY A 253 -19.86 -14.93 1.17
N LYS A 254 -20.57 -13.82 1.27
CA LYS A 254 -21.09 -13.12 0.08
C LYS A 254 -19.97 -12.64 -0.78
N THR A 255 -18.94 -12.05 -0.18
CA THR A 255 -17.78 -11.67 -0.96
C THR A 255 -17.05 -12.89 -1.46
N ALA A 256 -17.15 -14.03 -0.75
CA ALA A 256 -16.44 -15.22 -1.18
C ALA A 256 -17.07 -15.79 -2.43
N ALA A 257 -18.39 -15.82 -2.39
CA ALA A 257 -19.14 -16.27 -3.52
C ALA A 257 -18.70 -15.44 -4.74
N TYR A 258 -18.54 -14.12 -4.60
CA TYR A 258 -18.02 -13.35 -5.74
C TYR A 258 -16.70 -13.88 -6.26
N LEU A 259 -15.73 -14.09 -5.35
CA LEU A 259 -14.39 -14.39 -5.76
C LEU A 259 -14.26 -15.76 -6.35
N LEU A 260 -15.03 -16.70 -5.79
CA LEU A 260 -15.05 -18.08 -6.26
C LEU A 260 -15.81 -18.34 -7.55
N SER A 261 -16.63 -17.39 -7.99
CA SER A 261 -17.46 -17.60 -9.17
C SER A 261 -16.88 -16.86 -10.36
N ASP A 262 -17.51 -17.07 -11.52
CA ASP A 262 -17.14 -16.36 -12.74
C ASP A 262 -17.37 -14.82 -12.67
N LEU A 263 -18.04 -14.34 -11.62
CA LEU A 263 -18.23 -12.88 -11.47
C LEU A 263 -16.95 -12.13 -11.27
N SER A 264 -16.04 -12.73 -10.53
CA SER A 264 -14.71 -12.13 -10.24
C SER A 264 -13.64 -12.48 -11.30
N SER A 265 -14.11 -12.95 -12.45
CA SER A 265 -13.26 -13.53 -13.49
C SER A 265 -11.95 -12.83 -13.86
N GLY A 266 -11.91 -11.49 -13.92
CA GLY A 266 -10.58 -10.82 -14.14
C GLY A 266 -9.76 -10.44 -12.90
N VAL A 267 -10.12 -10.97 -11.73
CA VAL A 267 -9.57 -10.56 -10.43
C VAL A 267 -8.76 -11.69 -9.82
N THR A 268 -7.47 -11.44 -9.64
CA THR A 268 -6.57 -12.40 -9.02
C THR A 268 -5.46 -11.61 -8.31
N GLY A 269 -4.90 -12.18 -7.26
CA GLY A 269 -3.81 -11.53 -6.50
C GLY A 269 -4.27 -10.27 -5.78
N GLU A 270 -5.49 -10.34 -5.24
CA GLU A 270 -6.16 -9.17 -4.72
C GLU A 270 -6.62 -9.46 -3.29
N ASN A 271 -6.69 -8.40 -2.49
CA ASN A 271 -7.04 -8.46 -1.08
C ASN A 271 -8.27 -7.55 -0.81
N ILE A 272 -9.46 -8.17 -0.78
CA ILE A 272 -10.71 -7.47 -0.61
C ILE A 272 -11.12 -7.37 0.86
N HIS A 273 -11.31 -6.14 1.34
CA HIS A 273 -11.58 -5.94 2.76
C HIS A 273 -13.07 -5.93 3.12
N VAL A 274 -13.55 -6.99 3.77
CA VAL A 274 -14.92 -6.96 4.26
C VAL A 274 -14.85 -6.59 5.75
N ASP A 275 -14.64 -5.28 6.01
CA ASP A 275 -14.42 -4.76 7.37
C ASP A 275 -15.13 -3.39 7.61
N SER A 276 -16.23 -3.15 6.88
CA SER A 276 -16.99 -1.89 6.98
C SER A 276 -16.20 -0.64 6.61
N GLY A 277 -15.13 -0.76 5.82
CA GLY A 277 -14.31 0.41 5.44
C GLY A 277 -13.13 0.73 6.35
N PHE A 278 -12.89 -0.12 7.33
CA PHE A 278 -11.90 0.20 8.36
C PHE A 278 -10.51 0.47 7.77
N HIS A 279 -10.18 -0.20 6.66
CA HIS A 279 -8.81 -0.14 6.10
C HIS A 279 -8.51 1.18 5.37
N ALA A 280 -9.57 1.92 5.02
CA ALA A 280 -9.39 3.13 4.21
C ALA A 280 -9.17 4.37 5.08
N ILE A 281 -9.27 4.17 6.39
CA ILE A 281 -9.16 5.28 7.28
C ILE A 281 -7.89 5.23 8.09
N LYS A 282 -7.54 6.38 8.65
CA LYS A 282 -6.59 6.45 9.73
C LYS A 282 -7.08 7.36 10.84
N VAL B 28 26.61 13.72 8.21
CA VAL B 28 26.37 12.81 9.39
C VAL B 28 27.66 12.57 10.17
N ASN B 29 27.59 12.65 11.50
CA ASN B 29 28.75 12.44 12.35
C ASN B 29 28.55 11.23 13.28
N LEU B 30 29.21 10.11 13.02
CA LEU B 30 28.98 8.92 13.86
C LEU B 30 30.08 8.64 14.90
N GLU B 31 30.93 9.63 15.17
CA GLU B 31 32.03 9.44 16.11
C GLU B 31 31.46 9.23 17.51
N ASN B 32 32.09 8.35 18.28
CA ASN B 32 31.66 8.03 19.62
C ASN B 32 30.38 7.16 19.64
N LYS B 33 29.99 6.68 18.46
CA LYS B 33 28.80 5.84 18.30
C LYS B 33 29.25 4.42 18.01
N THR B 34 28.41 3.45 18.35
CA THR B 34 28.78 2.03 18.13
C THR B 34 27.65 1.28 17.44
N TYR B 35 27.98 0.50 16.41
CA TYR B 35 26.97 -0.27 15.70
C TYR B 35 27.39 -1.72 15.48
N VAL B 36 26.44 -2.67 15.68
CA VAL B 36 26.63 -4.08 15.35
C VAL B 36 26.16 -4.36 13.92
N ILE B 37 27.06 -4.84 13.06
CA ILE B 37 26.69 -5.18 11.69
C ILE B 37 26.63 -6.68 11.46
N MET B 38 25.44 -7.20 11.12
CA MET B 38 25.25 -8.66 10.90
C MET B 38 25.13 -8.95 9.41
N GLY B 39 26.00 -9.81 8.91
CA GLY B 39 25.82 -10.35 7.58
C GLY B 39 26.79 -9.92 6.51
N ILE B 40 28.02 -9.64 6.90
CA ILE B 40 29.10 -9.51 5.95
C ILE B 40 29.60 -10.91 5.58
N ALA B 41 29.74 -11.18 4.29
CA ALA B 41 30.26 -12.49 3.88
C ALA B 41 31.48 -12.37 2.96
N ASN B 42 31.52 -11.31 2.16
CA ASN B 42 32.66 -10.99 1.31
C ASN B 42 32.57 -9.54 0.89
N LYS B 43 33.47 -9.12 0.00
CA LYS B 43 33.57 -7.69 -0.31
C LYS B 43 32.34 -7.15 -1.05
N ARG B 44 31.47 -8.05 -1.52
CA ARG B 44 30.29 -7.67 -2.28
C ARG B 44 29.02 -7.69 -1.40
N SER B 45 29.14 -8.11 -0.15
CA SER B 45 28.01 -8.06 0.79
C SER B 45 27.46 -6.64 0.92
N ILE B 46 26.15 -6.52 0.95
CA ILE B 46 25.53 -5.23 1.16
C ILE B 46 25.94 -4.70 2.54
N ALA B 47 25.99 -5.58 3.52
CA ALA B 47 26.52 -5.23 4.83
C ALA B 47 27.91 -4.58 4.82
N PHE B 48 28.72 -4.88 3.81
CA PHE B 48 30.01 -4.25 3.68
C PHE B 48 29.94 -2.80 3.20
N GLY B 49 29.00 -2.52 2.30
CA GLY B 49 28.79 -1.14 1.79
C GLY B 49 28.32 -0.32 3.00
N VAL B 50 27.52 -0.97 3.85
CA VAL B 50 27.12 -0.39 5.10
C VAL B 50 28.35 -0.07 5.97
N ALA B 51 29.16 -1.10 6.28
CA ALA B 51 30.37 -0.99 7.11
C ALA B 51 31.34 0.08 6.62
N LYS B 52 31.60 0.14 5.31
CA LYS B 52 32.53 1.16 4.82
C LYS B 52 32.05 2.57 5.21
N VAL B 53 30.75 2.82 5.08
CA VAL B 53 30.18 4.17 5.22
C VAL B 53 30.14 4.60 6.67
N LEU B 54 29.72 3.69 7.54
CA LEU B 54 29.60 3.99 8.94
C LEU B 54 31.01 4.21 9.44
N ASP B 55 31.94 3.41 8.91
CA ASP B 55 33.36 3.56 9.25
C ASP B 55 33.88 4.91 8.78
N GLN B 56 33.52 5.28 7.56
CA GLN B 56 33.96 6.59 7.03
C GLN B 56 33.50 7.72 7.95
N LEU B 57 32.39 7.52 8.66
CA LEU B 57 31.79 8.60 9.44
C LEU B 57 32.18 8.58 10.92
N GLY B 58 33.10 7.66 11.28
CA GLY B 58 33.70 7.62 12.62
C GLY B 58 33.12 6.59 13.58
N ALA B 59 32.17 5.76 13.11
CA ALA B 59 31.55 4.75 13.98
C ALA B 59 32.50 3.64 14.34
N LYS B 60 32.37 3.19 15.58
CA LYS B 60 32.94 1.93 16.00
C LYS B 60 32.00 0.85 15.49
N LEU B 61 32.55 -0.25 14.98
CA LEU B 61 31.75 -1.32 14.41
C LEU B 61 32.04 -2.65 15.07
N VAL B 62 31.00 -3.46 15.20
CA VAL B 62 31.09 -4.80 15.72
C VAL B 62 30.40 -5.70 14.68
N PHE B 63 30.98 -6.87 14.41
CA PHE B 63 30.57 -7.69 13.27
C PHE B 63 30.20 -9.08 13.72
N THR B 64 29.13 -9.61 13.13
CA THR B 64 28.84 -11.00 13.29
C THR B 64 28.92 -11.73 11.94
N TYR B 65 29.27 -13.01 12.01
CA TYR B 65 29.43 -13.88 10.85
C TYR B 65 28.86 -15.24 11.20
N ARG B 66 28.64 -16.08 10.18
CA ARG B 66 28.20 -17.46 10.46
C ARG B 66 29.28 -18.47 10.16
N LYS B 67 29.70 -18.55 8.89
CA LYS B 67 30.71 -19.51 8.44
C LYS B 67 32.13 -19.03 8.71
N GLU B 68 33.01 -19.97 9.00
CA GLU B 68 34.44 -19.68 9.18
C GLU B 68 35.04 -18.88 8.04
N ARG B 69 34.57 -19.22 6.85
CA ARG B 69 34.90 -18.56 5.61
C ARG B 69 34.56 -17.06 5.68
N SER B 70 33.49 -16.72 6.39
CA SER B 70 33.11 -15.31 6.51
C SER B 70 33.99 -14.58 7.53
N ARG B 71 34.33 -15.25 8.63
CA ARG B 71 35.29 -14.71 9.62
C ARG B 71 36.66 -14.40 9.02
N LYS B 72 37.16 -15.30 8.16
CA LYS B 72 38.41 -15.07 7.44
C LYS B 72 38.28 -13.86 6.54
N GLU B 73 37.16 -13.76 5.84
CA GLU B 73 36.86 -12.57 5.03
C GLU B 73 36.87 -11.27 5.85
N LEU B 74 36.22 -11.32 7.01
CA LEU B 74 36.13 -10.15 7.84
C LEU B 74 37.52 -9.67 8.25
N GLU B 75 38.38 -10.60 8.66
CA GLU B 75 39.77 -10.25 8.99
C GLU B 75 40.42 -9.51 7.83
N LYS B 76 40.32 -10.07 6.65
CA LYS B 76 40.98 -9.46 5.53
C LYS B 76 40.37 -8.09 5.25
N LEU B 77 39.05 -7.97 5.42
CA LEU B 77 38.35 -6.75 5.07
C LEU B 77 38.58 -5.55 5.99
N LEU B 78 38.82 -5.80 7.28
CA LEU B 78 39.12 -4.68 8.20
C LEU B 78 40.19 -3.79 7.64
N GLU B 79 41.14 -4.41 6.96
CA GLU B 79 42.37 -3.73 6.55
C GLU B 79 42.06 -2.51 5.70
N GLN B 80 40.86 -2.48 5.16
CA GLN B 80 40.33 -1.33 4.44
C GLN B 80 39.63 -0.30 5.36
N LEU B 81 39.28 -0.73 6.58
CA LEU B 81 38.57 0.12 7.56
C LEU B 81 39.49 0.69 8.65
N ASN B 82 39.02 1.73 9.33
CA ASN B 82 39.79 2.36 10.43
C ASN B 82 39.29 1.94 11.80
N GLN B 83 39.13 0.63 12.01
CA GLN B 83 38.62 0.08 13.26
C GLN B 83 39.75 -0.46 14.15
N PRO B 84 40.27 0.37 15.07
CA PRO B 84 41.55 0.05 15.69
C PRO B 84 41.52 -1.27 16.48
N GLU B 85 40.32 -1.69 16.89
CA GLU B 85 40.09 -2.98 17.53
C GLU B 85 39.10 -3.78 16.71
N ALA B 86 39.48 -5.01 16.37
CA ALA B 86 38.70 -5.91 15.52
C ALA B 86 37.72 -6.78 16.33
N HIS B 87 36.43 -6.44 16.37
CA HIS B 87 35.48 -7.29 17.15
C HIS B 87 34.64 -8.25 16.30
N LEU B 88 35.00 -9.54 16.26
CA LEU B 88 34.21 -10.51 15.49
C LEU B 88 33.46 -11.51 16.34
N TYR B 89 32.20 -11.73 16.03
CA TYR B 89 31.41 -12.70 16.75
C TYR B 89 30.67 -13.65 15.85
N GLN B 90 30.83 -14.93 16.13
CA GLN B 90 30.10 -15.97 15.45
C GLN B 90 28.73 -16.01 16.03
N ILE B 91 27.74 -15.75 15.17
CA ILE B 91 26.31 -15.88 15.49
C ILE B 91 25.56 -16.52 14.30
N ASP B 92 25.14 -17.76 14.49
CA ASP B 92 24.25 -18.42 13.57
C ASP B 92 22.85 -18.19 14.15
N VAL B 93 22.11 -17.33 13.46
CA VAL B 93 20.82 -16.86 13.94
C VAL B 93 19.70 -17.91 13.98
N GLN B 94 19.98 -19.13 13.54
CA GLN B 94 19.10 -20.32 13.77
C GLN B 94 19.05 -20.73 15.24
N SER B 95 20.06 -20.29 15.99
CA SER B 95 20.25 -20.75 17.35
C SER B 95 19.96 -19.67 18.41
N ASP B 96 18.96 -19.92 19.25
CA ASP B 96 18.65 -19.02 20.35
C ASP B 96 19.92 -18.74 21.17
N GLU B 97 20.53 -19.83 21.63
CA GLU B 97 21.74 -19.74 22.40
CA GLU B 97 21.78 -19.81 22.35
C GLU B 97 22.79 -18.82 21.73
N GLU B 98 23.08 -19.04 20.45
CA GLU B 98 24.09 -18.22 19.76
C GLU B 98 23.75 -16.73 19.70
N VAL B 99 22.48 -16.40 19.48
CA VAL B 99 22.09 -15.00 19.46
C VAL B 99 22.24 -14.40 20.85
N ILE B 100 21.75 -15.11 21.86
CA ILE B 100 21.69 -14.66 23.23
C ILE B 100 23.09 -14.37 23.76
N ASN B 101 23.95 -15.38 23.71
CA ASN B 101 25.33 -15.30 24.15
C ASN B 101 26.15 -14.31 23.33
N GLY B 102 25.89 -14.30 22.03
CA GLY B 102 26.58 -13.39 21.14
C GLY B 102 26.41 -11.92 21.51
N PHE B 103 25.16 -11.54 21.79
CA PHE B 103 24.87 -10.17 22.14
C PHE B 103 25.25 -9.84 23.58
N GLU B 104 25.25 -10.85 24.45
CA GLU B 104 25.70 -10.71 25.80
C GLU B 104 27.19 -10.45 25.81
N GLN B 105 27.92 -11.16 24.95
CA GLN B 105 29.36 -11.07 24.93
C GLN B 105 29.75 -9.71 24.40
N ILE B 106 29.02 -9.25 23.40
CA ILE B 106 29.23 -7.91 22.84
C ILE B 106 29.08 -6.82 23.93
N GLY B 107 28.01 -6.88 24.73
CA GLY B 107 27.83 -6.01 25.91
C GLY B 107 29.03 -6.04 26.86
N LYS B 108 29.47 -7.23 27.27
CA LYS B 108 30.70 -7.36 28.09
C LYS B 108 31.90 -6.65 27.48
N ASP B 109 32.12 -6.92 26.19
CA ASP B 109 33.34 -6.57 25.51
C ASP B 109 33.41 -5.12 25.08
N VAL B 110 32.29 -4.57 24.62
CA VAL B 110 32.29 -3.19 24.11
C VAL B 110 31.22 -2.29 24.79
N GLY B 111 30.32 -2.89 25.56
CA GLY B 111 29.33 -2.07 26.27
C GLY B 111 28.10 -1.77 25.44
N ASN B 112 27.49 -0.62 25.69
CA ASN B 112 26.24 -0.30 25.04
C ASN B 112 26.43 0.03 23.54
N ILE B 113 25.37 -0.08 22.75
CA ILE B 113 25.42 0.18 21.31
C ILE B 113 24.31 1.14 20.89
N ASP B 114 24.46 1.73 19.69
CA ASP B 114 23.51 2.71 19.20
C ASP B 114 22.54 2.19 18.13
N GLY B 115 22.85 1.02 17.57
CA GLY B 115 21.92 0.34 16.67
C GLY B 115 22.51 -0.95 16.18
N VAL B 116 21.76 -1.63 15.32
CA VAL B 116 22.20 -2.88 14.66
C VAL B 116 21.81 -2.81 13.19
N TYR B 117 22.72 -3.20 12.29
CA TYR B 117 22.32 -3.51 10.95
C TYR B 117 22.15 -5.01 10.75
N HIS B 118 20.97 -5.43 10.33
CA HIS B 118 20.67 -6.82 10.03
C HIS B 118 20.70 -6.93 8.50
N SER B 119 21.58 -7.78 7.94
CA SER B 119 21.70 -8.02 6.51
C SER B 119 21.75 -9.52 6.19
N ILE B 120 20.81 -10.27 6.76
CA ILE B 120 20.83 -11.74 6.75
C ILE B 120 19.55 -12.30 6.10
N ALA B 121 19.70 -13.19 5.12
CA ALA B 121 18.59 -14.01 4.60
C ALA B 121 19.04 -15.38 4.07
N PHE B 122 18.09 -16.30 3.97
CA PHE B 122 18.34 -17.57 3.31
C PHE B 122 17.12 -18.13 2.61
N ALA B 123 17.34 -18.80 1.50
CA ALA B 123 16.31 -19.65 0.90
C ALA B 123 17.08 -20.74 0.15
N ASN B 124 16.60 -21.99 0.24
CA ASN B 124 17.16 -23.14 -0.50
C ASN B 124 17.04 -22.97 -2.01
N MET B 125 18.10 -23.37 -2.75
CA MET B 125 18.07 -23.17 -4.18
CA MET B 125 18.18 -23.29 -4.21
C MET B 125 17.02 -24.03 -4.90
N GLU B 126 16.67 -25.20 -4.35
CA GLU B 126 15.60 -26.01 -4.88
C GLU B 126 14.27 -25.24 -4.97
N ASP B 127 13.99 -24.44 -3.93
CA ASP B 127 12.71 -23.80 -3.82
C ASP B 127 12.61 -22.62 -4.75
N LEU B 128 13.73 -21.97 -5.04
CA LEU B 128 13.79 -20.89 -6.03
C LEU B 128 13.72 -21.31 -7.50
N ARG B 129 14.17 -22.54 -7.83
CA ARG B 129 14.08 -23.09 -9.20
CA ARG B 129 14.09 -23.10 -9.21
C ARG B 129 12.74 -23.74 -9.50
N GLY B 130 12.02 -24.17 -8.46
CA GLY B 130 10.70 -24.78 -8.63
C GLY B 130 9.67 -23.70 -8.87
N ARG B 131 8.45 -24.08 -9.23
CA ARG B 131 7.31 -23.14 -9.22
C ARG B 131 6.94 -22.84 -7.77
N PHE B 132 6.36 -21.66 -7.50
CA PHE B 132 6.12 -21.27 -6.09
C PHE B 132 5.20 -22.27 -5.38
N SER B 133 4.25 -22.81 -6.14
CA SER B 133 3.34 -23.83 -5.66
C SER B 133 3.99 -25.13 -5.20
N GLU B 134 5.23 -25.37 -5.66
CA GLU B 134 5.98 -26.59 -5.37
C GLU B 134 6.88 -26.47 -4.12
N THR B 135 7.00 -25.30 -3.55
CA THR B 135 7.91 -25.06 -2.42
C THR B 135 7.67 -26.08 -1.32
N SER B 136 8.76 -26.70 -0.87
CA SER B 136 8.71 -27.61 0.27
C SER B 136 8.43 -26.80 1.53
N ARG B 137 7.77 -27.45 2.50
CA ARG B 137 7.50 -26.89 3.82
C ARG B 137 8.79 -26.54 4.56
N GLU B 138 9.75 -27.46 4.49
CA GLU B 138 11.07 -27.30 5.09
C GLU B 138 11.74 -26.05 4.58
N GLY B 139 11.77 -25.86 3.27
CA GLY B 139 12.39 -24.70 2.65
C GLY B 139 11.69 -23.43 3.05
N PHE B 140 10.39 -23.50 3.09
CA PHE B 140 9.57 -22.36 3.44
C PHE B 140 9.91 -21.86 4.85
N LEU B 141 9.96 -22.78 5.81
CA LEU B 141 10.08 -22.46 7.24
C LEU B 141 11.48 -22.02 7.59
N LEU B 142 12.45 -22.65 6.94
CA LEU B 142 13.86 -22.25 7.02
C LEU B 142 14.00 -20.82 6.50
N ALA B 143 13.32 -20.50 5.41
CA ALA B 143 13.36 -19.12 4.90
C ALA B 143 12.74 -18.14 5.91
N GLN B 144 11.58 -18.46 6.45
CA GLN B 144 10.96 -17.66 7.55
C GLN B 144 11.84 -17.50 8.82
N ASP B 145 12.48 -18.59 9.21
CA ASP B 145 13.32 -18.61 10.39
C ASP B 145 14.51 -17.68 10.26
N ILE B 146 15.26 -17.84 9.19
CA ILE B 146 16.47 -17.05 9.04
C ILE B 146 16.27 -15.64 8.47
N SER B 147 15.32 -15.48 7.55
CA SER B 147 15.19 -14.18 6.87
C SER B 147 14.33 -13.20 7.64
N SER B 148 13.50 -13.74 8.53
CA SER B 148 12.50 -12.95 9.26
C SER B 148 12.50 -13.11 10.78
N TYR B 149 12.47 -14.35 11.28
CA TYR B 149 12.36 -14.57 12.74
C TYR B 149 13.58 -13.98 13.47
N SER B 150 14.71 -14.10 12.80
CA SER B 150 15.95 -13.67 13.38
C SER B 150 16.01 -12.16 13.63
N LEU B 151 15.16 -11.37 13.00
CA LEU B 151 15.11 -9.96 13.35
C LEU B 151 14.52 -9.82 14.76
N THR B 152 13.54 -10.69 15.10
CA THR B 152 12.85 -10.64 16.40
C THR B 152 13.77 -10.97 17.58
N ILE B 153 14.41 -12.15 17.54
CA ILE B 153 15.39 -12.49 18.57
C ILE B 153 16.56 -11.46 18.57
N VAL B 154 17.09 -11.15 17.39
CA VAL B 154 18.12 -10.09 17.34
C VAL B 154 17.67 -8.81 18.08
N ALA B 155 16.44 -8.37 17.86
CA ALA B 155 15.96 -7.14 18.51
C ALA B 155 15.80 -7.29 20.01
N HIS B 156 15.30 -8.43 20.47
CA HIS B 156 15.13 -8.67 21.91
C HIS B 156 16.45 -8.62 22.66
N GLU B 157 17.51 -9.17 22.07
CA GLU B 157 18.81 -9.17 22.74
C GLU B 157 19.60 -7.89 22.49
N ALA B 158 19.50 -7.34 21.28
CA ALA B 158 20.10 -6.03 21.02
C ALA B 158 19.59 -4.95 22.00
N LYS B 159 18.30 -5.02 22.34
CA LYS B 159 17.61 -4.00 23.15
C LYS B 159 18.31 -3.82 24.49
N LYS B 160 18.72 -4.95 25.07
CA LYS B 160 19.50 -5.03 26.29
C LYS B 160 20.77 -4.22 26.26
N LEU B 161 21.30 -3.95 25.08
CA LEU B 161 22.48 -3.11 24.97
C LEU B 161 22.09 -1.67 24.62
N MET B 162 20.78 -1.34 24.65
CA MET B 162 20.34 0.01 24.27
C MET B 162 19.34 0.63 25.27
N PRO B 163 19.78 0.89 26.52
CA PRO B 163 18.80 1.24 27.52
C PRO B 163 18.24 2.67 27.35
N GLU B 164 18.92 3.52 26.58
CA GLU B 164 18.31 4.82 26.26
C GLU B 164 17.70 4.85 24.88
N GLY B 165 17.76 3.73 24.19
CA GLY B 165 17.30 3.69 22.82
C GLY B 165 18.35 3.52 21.73
N GLY B 166 17.88 3.46 20.49
CA GLY B 166 18.70 3.24 19.32
C GLY B 166 17.89 2.94 18.08
N SER B 167 18.50 2.28 17.10
CA SER B 167 17.95 2.19 15.75
C SER B 167 18.34 0.83 15.17
N ILE B 168 17.37 0.08 14.69
CA ILE B 168 17.62 -1.26 14.15
C ILE B 168 17.16 -1.24 12.71
N VAL B 169 18.02 -1.69 11.80
CA VAL B 169 17.71 -1.61 10.40
C VAL B 169 17.79 -2.95 9.72
N ALA B 170 16.75 -3.35 8.99
CA ALA B 170 16.88 -4.61 8.22
C ALA B 170 16.89 -4.39 6.70
N THR B 171 17.36 -5.39 5.96
CA THR B 171 17.37 -5.23 4.50
C THR B 171 16.26 -6.03 3.86
N THR B 172 15.44 -5.36 3.06
CA THR B 172 14.46 -6.11 2.27
C THR B 172 14.52 -5.85 0.75
N TYR B 173 13.64 -6.53 0.02
CA TYR B 173 13.58 -6.49 -1.42
C TYR B 173 12.09 -6.45 -1.87
N LEU B 174 11.84 -5.75 -2.97
CA LEU B 174 10.49 -5.41 -3.41
C LEU B 174 9.52 -6.61 -3.61
N GLY B 175 10.10 -7.80 -3.80
CA GLY B 175 9.34 -9.04 -3.92
C GLY B 175 8.66 -9.48 -2.63
N GLY B 176 8.86 -8.72 -1.57
CA GLY B 176 8.08 -8.87 -0.33
C GLY B 176 6.76 -8.12 -0.43
N GLU B 177 6.71 -7.12 -1.32
CA GLU B 177 5.52 -6.28 -1.51
C GLU B 177 4.72 -6.63 -2.78
N PHE B 178 5.41 -7.12 -3.82
CA PHE B 178 4.77 -7.54 -5.07
C PHE B 178 5.35 -8.87 -5.52
N ALA B 179 4.53 -9.70 -6.19
CA ALA B 179 5.04 -10.96 -6.72
C ALA B 179 6.01 -10.68 -7.88
N VAL B 180 7.27 -10.99 -7.63
CA VAL B 180 8.34 -10.79 -8.59
C VAL B 180 8.75 -12.19 -9.11
N GLN B 181 8.82 -12.31 -10.43
CA GLN B 181 9.13 -13.55 -11.04
C GLN B 181 10.45 -14.17 -10.50
N ASN B 182 10.36 -15.44 -10.10
CA ASN B 182 11.49 -16.27 -9.64
C ASN B 182 11.97 -15.99 -8.21
N TYR B 183 11.43 -14.98 -7.57
CA TYR B 183 11.88 -14.60 -6.22
C TYR B 183 11.17 -15.46 -5.20
N ASN B 184 9.93 -15.84 -5.54
CA ASN B 184 9.31 -17.03 -5.01
C ASN B 184 9.23 -17.06 -3.47
N VAL B 185 9.71 -18.16 -2.86
CA VAL B 185 9.70 -18.32 -1.41
C VAL B 185 10.35 -17.16 -0.64
N MET B 186 11.41 -16.60 -1.21
CA MET B 186 12.10 -15.47 -0.60
C MET B 186 11.20 -14.23 -0.53
N GLY B 187 10.27 -14.11 -1.48
CA GLY B 187 9.37 -13.00 -1.50
C GLY B 187 8.43 -13.08 -0.34
N VAL B 188 7.96 -14.30 -0.03
CA VAL B 188 7.11 -14.49 1.09
C VAL B 188 7.90 -14.17 2.36
N ALA B 189 9.16 -14.57 2.35
CA ALA B 189 10.09 -14.29 3.43
C ALA B 189 10.24 -12.79 3.70
N LYS B 190 10.48 -12.00 2.66
CA LYS B 190 10.62 -10.55 2.81
C LYS B 190 9.32 -9.83 3.23
N ALA B 191 8.18 -10.39 2.88
CA ALA B 191 6.88 -9.89 3.28
C ALA B 191 6.71 -10.06 4.79
N SER B 192 7.02 -11.27 5.25
CA SER B 192 7.15 -11.59 6.66
C SER B 192 8.12 -10.64 7.38
N LEU B 193 9.35 -10.47 6.86
CA LEU B 193 10.29 -9.55 7.52
C LEU B 193 9.71 -8.12 7.63
N GLU B 194 9.08 -7.64 6.54
CA GLU B 194 8.58 -6.29 6.49
C GLU B 194 7.46 -6.03 7.52
N ALA B 195 6.62 -7.04 7.79
CA ALA B 195 5.67 -6.97 8.93
C ALA B 195 6.42 -7.04 10.23
N ASN B 196 7.53 -7.75 10.23
CA ASN B 196 8.27 -8.01 11.47
C ASN B 196 8.79 -6.67 11.96
N VAL B 197 9.37 -5.91 11.02
CA VAL B 197 9.78 -4.52 11.21
C VAL B 197 8.68 -3.61 11.84
N LYS B 198 7.45 -3.68 11.32
CA LYS B 198 6.28 -2.95 11.87
C LYS B 198 5.91 -3.35 13.32
N TYR B 199 5.79 -4.65 13.58
CA TYR B 199 5.47 -5.10 14.94
C TYR B 199 6.58 -4.79 15.95
N LEU B 200 7.83 -4.83 15.51
CA LEU B 200 8.89 -4.50 16.40
C LEU B 200 8.95 -2.98 16.63
N ALA B 201 8.72 -2.20 15.57
CA ALA B 201 8.61 -0.74 15.71
C ALA B 201 7.54 -0.36 16.76
N LEU B 202 6.37 -0.94 16.64
CA LEU B 202 5.29 -0.70 17.59
C LEU B 202 5.65 -1.17 19.01
N ASP B 203 6.21 -2.38 19.11
CA ASP B 203 6.62 -2.92 20.42
C ASP B 203 7.77 -2.14 21.07
N LEU B 204 8.76 -1.74 20.31
CA LEU B 204 9.92 -1.18 20.95
C LEU B 204 9.96 0.32 20.92
N GLY B 205 9.00 0.94 20.24
CA GLY B 205 8.89 2.40 20.28
C GLY B 205 8.95 2.99 21.69
N PRO B 206 8.07 2.56 22.61
CA PRO B 206 8.07 3.12 23.99
C PRO B 206 9.44 3.05 24.74
N ASP B 207 10.31 2.17 24.26
CA ASP B 207 11.70 1.99 24.71
C ASP B 207 12.71 2.81 23.86
N ASN B 208 12.21 3.76 23.08
CA ASN B 208 13.03 4.63 22.19
C ASN B 208 13.90 3.90 21.18
N ILE B 209 13.45 2.73 20.76
CA ILE B 209 14.14 1.94 19.73
C ILE B 209 13.34 1.95 18.41
N ARG B 210 13.93 2.53 17.37
CA ARG B 210 13.28 2.70 16.07
C ARG B 210 13.72 1.51 15.26
N VAL B 211 12.83 1.03 14.37
CA VAL B 211 13.04 -0.18 13.60
C VAL B 211 12.53 0.12 12.20
N ASN B 212 13.37 -0.09 11.21
CA ASN B 212 13.12 0.35 9.84
C ASN B 212 13.75 -0.65 8.86
N ALA B 213 13.34 -0.65 7.60
CA ALA B 213 13.94 -1.50 6.57
C ALA B 213 14.38 -0.70 5.37
N ILE B 214 15.36 -1.21 4.63
CA ILE B 214 15.76 -0.62 3.35
C ILE B 214 15.40 -1.66 2.30
N SER B 215 14.63 -1.28 1.29
CA SER B 215 14.32 -2.17 0.18
C SER B 215 15.34 -1.80 -0.86
N ALA B 216 16.45 -2.52 -0.89
CA ALA B 216 17.45 -2.28 -1.90
C ALA B 216 16.98 -2.84 -3.21
N GLY B 217 17.35 -2.14 -4.28
CA GLY B 217 17.25 -2.64 -5.63
C GLY B 217 18.21 -3.82 -5.75
N PRO B 218 18.18 -4.54 -6.89
CA PRO B 218 18.96 -5.79 -7.03
C PRO B 218 20.43 -5.48 -7.21
N ILE B 219 21.27 -6.22 -6.53
CA ILE B 219 22.69 -5.91 -6.47
C ILE B 219 23.45 -7.21 -6.55
N ARG B 220 24.49 -7.18 -7.37
CA ARG B 220 25.25 -8.38 -7.73
C ARG B 220 26.15 -8.80 -6.58
N THR B 221 25.56 -9.46 -5.59
CA THR B 221 26.32 -9.91 -4.45
C THR B 221 26.66 -11.37 -4.66
N LEU B 222 27.32 -11.95 -3.65
CA LEU B 222 27.68 -13.36 -3.67
C LEU B 222 26.41 -14.19 -3.76
N SER B 223 25.31 -13.62 -3.31
CA SER B 223 24.05 -14.34 -3.11
C SER B 223 23.12 -14.32 -4.28
N ALA B 224 23.29 -13.33 -5.16
CA ALA B 224 22.61 -13.28 -6.44
C ALA B 224 23.23 -14.29 -7.43
N LYS B 225 24.50 -14.60 -7.23
CA LYS B 225 25.29 -15.38 -8.17
C LYS B 225 24.57 -16.60 -8.76
N GLY B 226 23.94 -17.41 -7.91
CA GLY B 226 23.22 -18.59 -8.40
C GLY B 226 21.90 -18.33 -9.15
N VAL B 227 21.31 -17.16 -8.94
CA VAL B 227 19.85 -17.01 -9.08
C VAL B 227 19.27 -16.56 -10.44
N GLY B 228 18.39 -17.40 -10.99
CA GLY B 228 17.61 -17.08 -12.19
C GLY B 228 16.64 -15.94 -11.91
N GLY B 229 16.38 -15.13 -12.91
CA GLY B 229 15.55 -13.95 -12.72
C GLY B 229 16.38 -12.71 -12.39
N PHE B 230 17.56 -12.90 -11.79
CA PHE B 230 18.39 -11.76 -11.36
C PHE B 230 18.94 -10.88 -12.49
N ASN B 231 19.57 -11.49 -13.49
CA ASN B 231 20.13 -10.75 -14.63
C ASN B 231 19.10 -10.02 -15.47
N THR B 232 17.84 -10.46 -15.37
CA THR B 232 16.81 -9.92 -16.24
C THR B 232 16.02 -8.80 -15.56
N ILE B 233 15.98 -8.80 -14.22
CA ILE B 233 15.46 -7.67 -13.48
C ILE B 233 16.44 -6.45 -13.50
N LEU B 234 17.74 -6.73 -13.34
CA LEU B 234 18.82 -5.73 -13.45
C LEU B 234 18.68 -4.87 -14.71
N LYS B 235 18.67 -5.54 -15.85
CA LYS B 235 18.44 -4.90 -17.14
C LYS B 235 17.12 -4.08 -17.11
N GLU B 236 16.05 -4.66 -16.59
CA GLU B 236 14.79 -3.93 -16.57
C GLU B 236 14.89 -2.61 -15.81
N ILE B 237 15.58 -2.64 -14.67
CA ILE B 237 15.75 -1.43 -13.85
C ILE B 237 16.38 -0.33 -14.70
N GLU B 238 17.53 -0.64 -15.28
CA GLU B 238 18.19 0.27 -16.18
C GLU B 238 17.25 0.92 -17.17
N GLU B 239 16.34 0.12 -17.70
CA GLU B 239 15.59 0.56 -18.84
C GLU B 239 14.35 1.31 -18.38
N ARG B 240 13.79 0.90 -17.25
CA ARG B 240 12.44 1.33 -16.93
C ARG B 240 12.34 2.19 -15.70
N ALA B 241 13.23 2.00 -14.71
CA ALA B 241 13.21 2.79 -13.47
C ALA B 241 13.56 4.25 -13.74
N PRO B 242 12.97 5.19 -12.96
CA PRO B 242 13.13 6.65 -13.20
C PRO B 242 14.55 7.16 -13.39
N LEU B 243 15.49 6.55 -12.67
CA LEU B 243 16.92 6.95 -12.72
C LEU B 243 17.79 6.28 -13.78
N LYS B 244 17.31 5.21 -14.41
CA LYS B 244 17.95 4.61 -15.62
CA LYS B 244 17.94 4.62 -15.61
C LYS B 244 19.28 3.91 -15.32
N ARG B 245 19.47 3.55 -14.05
CA ARG B 245 20.71 2.96 -13.58
C ARG B 245 20.39 1.94 -12.48
N ASN B 246 21.33 1.08 -12.12
CA ASN B 246 21.15 0.20 -10.95
C ASN B 246 21.90 0.79 -9.73
N VAL B 247 21.53 0.38 -8.52
CA VAL B 247 22.18 0.91 -7.33
C VAL B 247 23.31 -0.03 -6.84
N ASP B 248 24.01 0.40 -5.78
CA ASP B 248 25.10 -0.41 -5.24
C ASP B 248 25.18 -0.34 -3.70
N GLN B 249 26.13 -1.07 -3.17
CA GLN B 249 26.16 -1.32 -1.74
C GLN B 249 26.39 -0.03 -0.93
N VAL B 250 27.18 0.90 -1.46
CA VAL B 250 27.43 2.18 -0.78
C VAL B 250 26.16 3.07 -0.65
N GLU B 251 25.27 2.96 -1.61
CA GLU B 251 24.07 3.72 -1.64
C GLU B 251 23.12 3.20 -0.59
N VAL B 252 23.11 1.89 -0.42
CA VAL B 252 22.41 1.29 0.70
C VAL B 252 23.02 1.82 1.99
N GLY B 253 24.35 1.74 2.05
CA GLY B 253 25.16 2.27 3.17
C GLY B 253 24.80 3.67 3.56
N LYS B 254 24.60 4.53 2.58
CA LYS B 254 24.33 5.93 2.88
C LYS B 254 22.96 6.06 3.58
N THR B 255 21.95 5.39 3.01
CA THR B 255 20.61 5.46 3.54
C THR B 255 20.60 4.85 4.93
N ALA B 256 21.48 3.89 5.14
CA ALA B 256 21.59 3.19 6.41
C ALA B 256 22.15 4.09 7.50
N ALA B 257 23.07 5.00 7.12
CA ALA B 257 23.63 5.99 8.06
C ALA B 257 22.54 6.97 8.48
N TYR B 258 21.59 7.23 7.58
CA TYR B 258 20.45 8.09 7.90
C TYR B 258 19.55 7.36 8.89
N LEU B 259 19.17 6.15 8.55
CA LEU B 259 18.36 5.34 9.45
C LEU B 259 19.00 5.13 10.82
N LEU B 260 20.30 4.85 10.85
CA LEU B 260 20.96 4.49 12.11
C LEU B 260 21.29 5.68 12.97
N SER B 261 21.28 6.86 12.37
CA SER B 261 21.55 8.12 13.08
C SER B 261 20.30 8.96 13.42
N ASP B 262 20.53 9.92 14.30
CA ASP B 262 19.55 10.86 14.73
C ASP B 262 18.98 11.75 13.60
N LEU B 263 19.62 11.75 12.44
CA LEU B 263 18.99 12.33 11.29
C LEU B 263 17.56 11.82 11.01
N SER B 264 17.20 10.62 11.50
CA SER B 264 15.90 10.05 11.20
C SER B 264 15.09 9.89 12.47
N SER B 265 15.35 10.77 13.43
CA SER B 265 14.83 10.61 14.77
C SER B 265 13.31 10.46 14.76
N GLY B 266 12.65 10.98 13.75
CA GLY B 266 11.23 10.73 13.74
C GLY B 266 10.78 9.51 13.00
N VAL B 267 11.69 8.72 12.46
CA VAL B 267 11.28 7.71 11.47
C VAL B 267 11.30 6.32 12.05
N THR B 268 10.14 5.66 12.16
CA THR B 268 10.09 4.26 12.66
C THR B 268 9.00 3.43 11.95
N GLY B 269 9.30 2.15 11.70
CA GLY B 269 8.37 1.28 10.97
C GLY B 269 8.15 1.69 9.53
N GLU B 270 9.24 2.12 8.88
CA GLU B 270 9.26 2.74 7.56
C GLU B 270 10.16 1.92 6.65
N ASN B 271 9.83 1.88 5.36
CA ASN B 271 10.58 1.08 4.43
C ASN B 271 11.01 1.97 3.29
N ILE B 272 12.31 2.29 3.26
CA ILE B 272 12.87 3.17 2.24
C ILE B 272 13.38 2.32 1.09
N HIS B 273 12.89 2.63 -0.11
CA HIS B 273 13.32 1.93 -1.28
C HIS B 273 14.53 2.63 -1.78
N VAL B 274 15.69 1.95 -1.70
CA VAL B 274 16.87 2.44 -2.39
C VAL B 274 17.02 1.66 -3.70
N ASP B 275 16.32 2.13 -4.74
CA ASP B 275 16.15 1.34 -5.98
C ASP B 275 15.92 2.15 -7.23
N SER B 276 16.48 3.35 -7.31
CA SER B 276 16.30 4.22 -8.52
C SER B 276 14.85 4.44 -8.92
N GLY B 277 13.96 4.28 -7.93
CA GLY B 277 12.56 4.65 -8.05
C GLY B 277 11.68 3.59 -8.70
N PHE B 278 12.16 2.36 -8.71
CA PHE B 278 11.50 1.26 -9.41
C PHE B 278 10.23 0.81 -8.71
N HIS B 279 10.20 0.96 -7.39
CA HIS B 279 9.00 0.75 -6.56
C HIS B 279 7.78 1.59 -6.99
N ALA B 280 8.03 2.83 -7.42
CA ALA B 280 6.95 3.81 -7.70
C ALA B 280 6.36 3.75 -9.11
N ILE B 281 6.79 2.79 -9.92
CA ILE B 281 6.31 2.72 -11.31
C ILE B 281 5.60 1.38 -11.60
N LYS B 282 4.85 1.32 -12.70
CA LYS B 282 4.34 0.06 -13.25
C LYS B 282 4.25 0.23 -14.77
N ASN C 29 27.01 17.23 5.23
CA ASN C 29 27.76 18.49 4.90
C ASN C 29 27.39 19.11 3.54
N LEU C 30 26.40 19.99 3.58
CA LEU C 30 25.88 20.64 2.38
C LEU C 30 26.61 21.94 2.10
N GLU C 31 27.88 22.00 2.47
CA GLU C 31 28.70 23.13 2.05
C GLU C 31 28.75 23.18 0.53
N ASN C 32 28.76 24.40 -0.01
CA ASN C 32 28.74 24.66 -1.47
C ASN C 32 27.42 24.23 -2.15
N LYS C 33 26.37 24.04 -1.36
CA LYS C 33 25.07 23.75 -1.96
C LYS C 33 24.11 24.91 -1.77
N THR C 34 23.15 25.02 -2.69
CA THR C 34 22.18 26.10 -2.68
C THR C 34 20.80 25.48 -2.81
N TYR C 35 19.89 25.85 -1.91
CA TYR C 35 18.52 25.35 -1.92
C TYR C 35 17.53 26.48 -1.83
N VAL C 36 16.46 26.39 -2.60
CA VAL C 36 15.35 27.31 -2.54
C VAL C 36 14.32 26.70 -1.61
N ILE C 37 13.81 27.49 -0.67
CA ILE C 37 12.86 27.04 0.31
C ILE C 37 11.60 27.87 0.14
N MET C 38 10.47 27.20 -0.05
CA MET C 38 9.18 27.89 -0.28
C MET C 38 8.17 27.64 0.87
N GLY C 39 7.55 28.71 1.34
CA GLY C 39 6.48 28.63 2.30
C GLY C 39 6.92 28.84 3.74
N ILE C 40 7.76 29.84 3.98
CA ILE C 40 7.95 30.29 5.35
C ILE C 40 6.91 31.38 5.67
N ALA C 41 6.10 31.13 6.70
CA ALA C 41 5.11 32.07 7.18
C ALA C 41 5.60 32.64 8.50
N ASN C 42 5.98 31.77 9.43
CA ASN C 42 6.55 32.21 10.70
C ASN C 42 7.58 31.25 11.31
N LYS C 43 8.08 31.58 12.50
CA LYS C 43 9.02 30.71 13.23
C LYS C 43 8.47 29.29 13.56
N ARG C 44 7.17 29.06 13.34
CA ARG C 44 6.60 27.76 13.62
C ARG C 44 6.38 26.90 12.36
N SER C 45 6.65 27.51 11.21
CA SER C 45 6.54 26.83 9.92
C SER C 45 7.35 25.54 9.86
N ILE C 46 6.91 24.60 9.04
CA ILE C 46 7.73 23.40 8.84
C ILE C 46 8.95 23.78 8.07
N ALA C 47 8.75 24.61 7.04
CA ALA C 47 9.82 25.08 6.17
C ALA C 47 10.93 25.82 6.89
N PHE C 48 10.64 26.45 8.04
CA PHE C 48 11.72 27.06 8.85
C PHE C 48 12.57 26.00 9.63
N GLY C 49 11.93 24.94 10.11
CA GLY C 49 12.66 23.82 10.70
C GLY C 49 13.67 23.28 9.70
N VAL C 50 13.23 23.17 8.44
CA VAL C 50 14.08 22.72 7.36
C VAL C 50 15.22 23.68 7.27
N ALA C 51 14.89 24.98 7.18
CA ALA C 51 15.89 26.01 6.98
C ALA C 51 16.96 26.00 8.06
N LYS C 52 16.56 25.76 9.32
CA LYS C 52 17.53 25.76 10.43
C LYS C 52 18.52 24.61 10.29
N VAL C 53 18.02 23.46 9.86
CA VAL C 53 18.83 22.26 9.70
C VAL C 53 19.84 22.48 8.58
N LEU C 54 19.33 22.90 7.43
CA LEU C 54 20.14 23.12 6.26
C LEU C 54 21.13 24.25 6.50
N ASP C 55 20.75 25.21 7.32
CA ASP C 55 21.68 26.29 7.61
C ASP C 55 22.80 25.77 8.51
N GLN C 56 22.45 24.92 9.49
CA GLN C 56 23.41 24.27 10.37
C GLN C 56 24.43 23.47 9.58
N LEU C 57 23.99 22.92 8.45
CA LEU C 57 24.85 22.07 7.61
C LEU C 57 25.62 22.90 6.59
N GLY C 58 25.53 24.22 6.77
CA GLY C 58 26.28 25.18 5.93
C GLY C 58 25.83 25.34 4.48
N ALA C 59 24.55 25.10 4.20
CA ALA C 59 24.01 25.33 2.86
C ALA C 59 23.60 26.79 2.56
N LYS C 60 23.69 27.20 1.29
CA LYS C 60 23.08 28.44 0.84
C LYS C 60 21.56 28.29 0.66
N LEU C 61 20.82 29.28 1.12
CA LEU C 61 19.38 29.19 1.05
C LEU C 61 18.75 30.39 0.39
N VAL C 62 17.71 30.12 -0.41
CA VAL C 62 16.83 31.14 -1.01
C VAL C 62 15.40 30.96 -0.49
N PHE C 63 14.69 32.08 -0.29
CA PHE C 63 13.34 31.98 0.26
C PHE C 63 12.27 32.54 -0.64
N THR C 64 11.10 31.89 -0.61
CA THR C 64 9.98 32.46 -1.30
C THR C 64 8.74 32.51 -0.40
N TYR C 65 7.98 33.60 -0.57
CA TYR C 65 6.85 33.90 0.29
C TYR C 65 5.72 34.40 -0.56
N ARG C 66 4.50 34.32 -0.04
CA ARG C 66 3.35 34.94 -0.72
C ARG C 66 3.06 36.29 -0.08
N LYS C 67 2.62 36.27 1.17
CA LYS C 67 2.19 37.44 1.90
C LYS C 67 3.37 38.30 2.42
N GLU C 68 3.28 39.64 2.27
CA GLU C 68 4.36 40.53 2.76
C GLU C 68 4.54 40.31 4.26
N ARG C 69 3.44 40.06 4.96
CA ARG C 69 3.45 39.53 6.34
C ARG C 69 4.54 38.48 6.55
N SER C 70 4.61 37.54 5.62
CA SER C 70 5.56 36.44 5.68
C SER C 70 6.98 36.89 5.38
N ARG C 71 7.11 37.86 4.47
CA ARG C 71 8.39 38.53 4.19
C ARG C 71 8.92 39.20 5.47
N LYS C 72 8.15 40.15 6.01
CA LYS C 72 8.48 40.80 7.29
C LYS C 72 9.02 39.74 8.25
N GLU C 73 8.29 38.64 8.38
CA GLU C 73 8.68 37.55 9.28
C GLU C 73 10.00 36.88 8.90
N LEU C 74 10.13 36.50 7.62
CA LEU C 74 11.39 36.01 7.09
C LEU C 74 12.51 36.93 7.45
N GLU C 75 12.37 38.19 7.07
CA GLU C 75 13.43 39.19 7.26
C GLU C 75 14.03 39.07 8.65
N LYS C 76 13.19 39.04 9.67
CA LYS C 76 13.69 38.82 11.04
C LYS C 76 14.01 37.35 11.46
N LEU C 77 13.60 36.33 10.69
CA LEU C 77 14.02 34.96 11.01
C LEU C 77 15.50 34.77 10.69
N LEU C 78 15.94 35.47 9.65
CA LEU C 78 17.32 35.49 9.15
C LEU C 78 18.45 35.73 10.16
N GLU C 79 18.20 36.56 11.16
CA GLU C 79 19.16 36.79 12.26
C GLU C 79 19.50 35.50 13.02
N GLN C 80 18.60 34.52 12.97
CA GLN C 80 18.83 33.23 13.57
C GLN C 80 19.79 32.38 12.76
N LEU C 81 19.89 32.75 11.49
CA LEU C 81 20.63 31.98 10.49
C LEU C 81 21.94 32.62 10.10
N ASN C 82 22.83 31.80 9.57
CA ASN C 82 24.15 32.19 9.15
C ASN C 82 24.20 32.39 7.62
N GLN C 83 23.27 33.17 7.08
CA GLN C 83 23.30 33.49 5.64
C GLN C 83 23.86 34.91 5.38
N PRO C 84 24.73 35.06 4.36
CA PRO C 84 25.37 36.37 4.11
C PRO C 84 24.44 37.47 3.56
N GLU C 85 24.02 37.39 2.29
CA GLU C 85 23.06 38.39 1.76
C GLU C 85 21.80 37.72 1.24
N ALA C 86 21.07 37.11 2.17
CA ALA C 86 19.85 36.35 1.88
C ALA C 86 18.97 36.91 0.76
N HIS C 87 18.42 35.99 -0.03
CA HIS C 87 17.60 36.37 -1.16
C HIS C 87 16.19 35.94 -0.89
N LEU C 88 15.29 36.92 -0.87
CA LEU C 88 13.87 36.70 -0.63
C LEU C 88 13.08 37.02 -1.91
N TYR C 89 12.10 36.18 -2.21
CA TYR C 89 11.32 36.35 -3.45
C TYR C 89 9.83 36.11 -3.27
N GLN C 90 9.02 37.04 -3.74
CA GLN C 90 7.61 36.77 -3.67
C GLN C 90 7.20 35.86 -4.83
N ILE C 91 6.72 34.66 -4.50
CA ILE C 91 6.03 33.79 -5.47
C ILE C 91 4.68 33.26 -4.94
N ASP C 92 3.58 33.78 -5.49
CA ASP C 92 2.23 33.27 -5.23
C ASP C 92 2.02 32.19 -6.27
N VAL C 93 2.03 30.91 -5.84
CA VAL C 93 2.10 29.80 -6.81
C VAL C 93 0.84 29.60 -7.68
N GLN C 94 -0.19 30.44 -7.45
CA GLN C 94 -1.46 30.41 -8.21
C GLN C 94 -1.21 31.08 -9.53
N SER C 95 -0.06 31.71 -9.64
CA SER C 95 0.29 32.53 -10.81
C SER C 95 1.46 31.93 -11.54
N ASP C 96 1.17 31.52 -12.76
CA ASP C 96 2.14 31.03 -13.74
C ASP C 96 3.35 31.96 -13.85
N GLU C 97 3.08 33.25 -14.07
CA GLU C 97 4.14 34.22 -14.31
C GLU C 97 5.03 34.53 -13.09
N GLU C 98 4.44 34.79 -11.91
CA GLU C 98 5.21 34.94 -10.66
C GLU C 98 6.14 33.75 -10.40
N VAL C 99 5.75 32.56 -10.84
CA VAL C 99 6.59 31.35 -10.66
C VAL C 99 7.73 31.23 -11.70
N ILE C 100 7.43 31.43 -12.98
CA ILE C 100 8.45 31.43 -14.02
C ILE C 100 9.46 32.54 -13.74
N ASN C 101 8.96 33.75 -13.54
CA ASN C 101 9.81 34.94 -13.42
C ASN C 101 10.55 34.89 -12.08
N GLY C 102 9.89 34.27 -11.10
CA GLY C 102 10.48 34.06 -9.78
C GLY C 102 11.77 33.26 -9.81
N PHE C 103 11.71 32.08 -10.44
CA PHE C 103 12.88 31.22 -10.61
C PHE C 103 13.91 31.78 -11.59
N GLU C 104 13.43 32.48 -12.60
CA GLU C 104 14.29 33.15 -13.57
C GLU C 104 15.13 34.22 -12.85
N GLN C 105 14.51 34.94 -11.91
CA GLN C 105 15.22 35.95 -11.10
C GLN C 105 16.24 35.31 -10.14
N ILE C 106 15.97 34.07 -9.73
CA ILE C 106 16.84 33.33 -8.79
C ILE C 106 18.06 32.73 -9.45
N GLY C 107 17.90 32.25 -10.68
CA GLY C 107 19.05 31.83 -11.48
C GLY C 107 20.00 32.96 -11.82
N LYS C 108 19.45 34.16 -11.95
CA LYS C 108 20.23 35.35 -12.28
C LYS C 108 21.04 35.82 -11.07
N ASP C 109 20.33 36.00 -9.95
CA ASP C 109 20.92 36.47 -8.71
C ASP C 109 21.93 35.50 -8.09
N VAL C 110 21.74 34.19 -8.21
CA VAL C 110 22.68 33.26 -7.57
C VAL C 110 23.12 32.01 -8.35
N GLY C 111 22.55 31.86 -9.56
CA GLY C 111 22.95 30.75 -10.46
C GLY C 111 22.19 29.46 -10.17
N ASN C 112 22.88 28.33 -10.38
CA ASN C 112 22.31 27.00 -10.28
C ASN C 112 22.01 26.53 -8.88
N ILE C 113 20.92 25.82 -8.74
CA ILE C 113 20.54 25.30 -7.45
C ILE C 113 20.75 23.78 -7.38
N ASP C 114 20.66 23.24 -6.17
CA ASP C 114 20.76 21.80 -5.95
C ASP C 114 19.45 21.18 -5.51
N GLY C 115 18.46 22.01 -5.19
CA GLY C 115 17.21 21.50 -4.63
C GLY C 115 16.14 22.50 -4.27
N VAL C 116 14.94 22.00 -4.06
CA VAL C 116 13.80 22.84 -3.69
C VAL C 116 13.07 22.12 -2.56
N TYR C 117 12.79 22.81 -1.46
CA TYR C 117 11.85 22.24 -0.50
C TYR C 117 10.48 22.94 -0.60
N HIS C 118 9.46 22.20 -1.02
CA HIS C 118 8.09 22.75 -1.21
C HIS C 118 7.20 22.50 0.07
N SER C 119 6.77 23.57 0.69
CA SER C 119 6.08 23.51 1.98
C SER C 119 4.78 24.36 1.92
N ILE C 120 4.05 24.16 0.82
CA ILE C 120 2.94 25.01 0.38
C ILE C 120 1.69 24.19 0.09
N ALA C 121 0.58 24.55 0.75
CA ALA C 121 -0.74 23.98 0.47
C ALA C 121 -1.82 24.97 0.92
N PHE C 122 -3.02 24.90 0.34
CA PHE C 122 -4.15 25.69 0.85
C PHE C 122 -5.47 25.03 0.58
N ALA C 123 -6.36 25.19 1.55
CA ALA C 123 -7.78 24.79 1.47
C ALA C 123 -8.63 25.75 2.30
N ASN C 124 -9.79 26.16 1.79
CA ASN C 124 -10.70 27.02 2.57
C ASN C 124 -11.14 26.26 3.77
N MET C 125 -11.23 26.93 4.89
CA MET C 125 -11.72 26.22 6.06
C MET C 125 -13.18 25.79 5.95
N GLU C 126 -14.00 26.55 5.24
CA GLU C 126 -15.42 26.19 5.13
C GLU C 126 -15.66 24.92 4.33
N ASP C 127 -14.71 24.56 3.48
CA ASP C 127 -14.71 23.24 2.86
C ASP C 127 -14.42 22.15 3.87
N LEU C 128 -13.58 22.49 4.82
CA LEU C 128 -13.08 21.56 5.79
C LEU C 128 -14.06 21.41 6.93
N ARG C 129 -14.85 22.45 7.18
CA ARG C 129 -15.74 22.42 8.32
C ARG C 129 -16.92 21.51 7.99
N GLY C 130 -17.37 21.58 6.73
CA GLY C 130 -18.54 20.80 6.30
C GLY C 130 -18.21 19.34 6.06
N ARG C 131 -19.22 18.55 5.71
CA ARG C 131 -18.95 17.16 5.32
C ARG C 131 -18.21 17.19 4.00
N PHE C 132 -17.38 16.17 3.74
CA PHE C 132 -16.60 16.13 2.50
C PHE C 132 -17.53 16.20 1.27
N SER C 133 -18.67 15.51 1.30
CA SER C 133 -19.62 15.49 0.17
C SER C 133 -20.15 16.85 -0.25
N GLU C 134 -20.14 17.82 0.67
CA GLU C 134 -20.62 19.19 0.39
C GLU C 134 -19.53 20.10 -0.22
N THR C 135 -18.39 19.53 -0.63
CA THR C 135 -17.22 20.35 -1.02
C THR C 135 -17.49 21.15 -2.28
N SER C 136 -17.26 22.46 -2.21
CA SER C 136 -17.51 23.33 -3.36
C SER C 136 -16.55 22.97 -4.49
N ARG C 137 -16.95 23.19 -5.72
CA ARG C 137 -16.11 22.91 -6.87
C ARG C 137 -14.89 23.78 -6.77
N GLU C 138 -15.16 25.06 -6.65
CA GLU C 138 -14.20 26.10 -6.40
C GLU C 138 -13.15 25.73 -5.33
N GLY C 139 -13.60 25.08 -4.25
CA GLY C 139 -12.72 24.89 -3.09
C GLY C 139 -11.84 23.70 -3.35
N PHE C 140 -12.39 22.76 -4.12
CA PHE C 140 -11.66 21.59 -4.56
C PHE C 140 -10.54 21.95 -5.54
N LEU C 141 -10.86 22.74 -6.56
CA LEU C 141 -9.87 23.01 -7.59
C LEU C 141 -8.75 23.95 -7.11
N LEU C 142 -9.10 24.86 -6.19
CA LEU C 142 -8.13 25.77 -5.57
C LEU C 142 -7.13 24.95 -4.71
N ALA C 143 -7.66 23.98 -3.96
CA ALA C 143 -6.84 23.11 -3.14
C ALA C 143 -5.85 22.37 -4.03
N GLN C 144 -6.38 21.71 -5.05
CA GLN C 144 -5.60 21.11 -6.12
C GLN C 144 -4.59 22.07 -6.69
N ASP C 145 -5.05 23.27 -7.02
CA ASP C 145 -4.16 24.23 -7.62
C ASP C 145 -2.93 24.50 -6.75
N ILE C 146 -3.21 24.94 -5.53
CA ILE C 146 -2.19 25.42 -4.60
C ILE C 146 -1.37 24.31 -3.98
N SER C 147 -2.02 23.21 -3.63
CA SER C 147 -1.42 22.12 -2.88
C SER C 147 -0.77 21.06 -3.77
N SER C 148 -1.21 20.97 -5.01
CA SER C 148 -0.67 19.96 -5.93
C SER C 148 0.06 20.53 -7.18
N TYR C 149 -0.66 21.17 -8.11
CA TYR C 149 -0.01 21.62 -9.37
C TYR C 149 1.17 22.57 -9.12
N SER C 150 1.17 23.25 -7.98
CA SER C 150 2.20 24.25 -7.70
C SER C 150 3.54 23.59 -7.73
N LEU C 151 3.54 22.27 -7.51
CA LEU C 151 4.72 21.43 -7.51
C LEU C 151 5.22 21.13 -8.89
N THR C 152 4.31 20.78 -9.78
CA THR C 152 4.62 20.53 -11.16
C THR C 152 5.34 21.73 -11.86
N ILE C 153 4.65 22.86 -11.93
CA ILE C 153 5.23 24.11 -12.45
C ILE C 153 6.59 24.49 -11.76
N VAL C 154 6.64 24.38 -10.43
CA VAL C 154 7.87 24.68 -9.68
C VAL C 154 8.95 23.72 -10.18
N ALA C 155 8.68 22.42 -10.19
CA ALA C 155 9.64 21.46 -10.73
C ALA C 155 10.17 21.92 -12.10
N HIS C 156 9.26 22.22 -13.01
CA HIS C 156 9.65 22.57 -14.38
C HIS C 156 10.55 23.80 -14.47
N GLU C 157 10.33 24.75 -13.57
CA GLU C 157 11.11 25.97 -13.60
C GLU C 157 12.43 25.82 -12.85
N ALA C 158 12.44 24.96 -11.84
CA ALA C 158 13.67 24.73 -11.10
C ALA C 158 14.62 23.78 -11.84
N LYS C 159 14.07 22.96 -12.75
CA LYS C 159 14.89 22.10 -13.61
C LYS C 159 15.92 22.93 -14.30
N LYS C 160 15.48 24.09 -14.77
CA LYS C 160 16.27 25.05 -15.52
C LYS C 160 17.59 25.37 -14.79
N LEU C 161 17.50 25.48 -13.46
CA LEU C 161 18.63 25.82 -12.62
C LEU C 161 19.31 24.59 -12.01
N MET C 162 18.87 23.40 -12.40
CA MET C 162 19.57 22.22 -11.94
C MET C 162 20.09 21.41 -13.13
N PRO C 163 20.99 22.00 -13.93
CA PRO C 163 21.39 21.30 -15.16
C PRO C 163 22.05 19.93 -14.89
N GLU C 164 22.86 19.78 -13.84
CA GLU C 164 23.62 18.54 -13.56
C GLU C 164 22.84 17.57 -12.66
N GLY C 165 21.61 17.94 -12.35
CA GLY C 165 20.73 17.13 -11.53
C GLY C 165 20.55 17.82 -10.20
N GLY C 166 19.73 17.24 -9.34
CA GLY C 166 19.37 17.89 -8.10
C GLY C 166 18.27 17.15 -7.41
N SER C 167 17.65 17.79 -6.45
CA SER C 167 16.72 17.08 -5.57
C SER C 167 15.55 17.96 -5.19
N ILE C 168 14.33 17.45 -5.43
CA ILE C 168 13.11 18.18 -5.10
C ILE C 168 12.31 17.40 -4.04
N VAL C 169 11.93 18.07 -2.96
CA VAL C 169 11.13 17.45 -1.88
C VAL C 169 9.88 18.31 -1.57
N ALA C 170 8.77 17.65 -1.24
CA ALA C 170 7.57 18.34 -0.85
C ALA C 170 6.92 17.75 0.41
N THR C 171 5.89 18.43 0.92
CA THR C 171 5.35 18.09 2.23
C THR C 171 3.92 17.59 2.13
N THR C 172 3.69 16.37 2.56
CA THR C 172 2.34 15.80 2.56
C THR C 172 1.91 15.38 3.93
N TYR C 173 0.68 14.89 4.01
CA TYR C 173 0.18 14.31 5.24
C TYR C 173 -0.46 12.93 4.99
N LEU C 174 -0.41 12.11 6.02
CA LEU C 174 -1.05 10.77 5.94
C LEU C 174 -2.51 10.80 5.40
N GLY C 175 -3.25 11.89 5.57
CA GLY C 175 -4.59 12.02 4.96
C GLY C 175 -4.64 11.95 3.42
N GLY C 176 -3.48 12.07 2.81
CA GLY C 176 -3.34 11.75 1.41
C GLY C 176 -3.52 10.28 1.09
N GLU C 177 -3.10 9.40 2.00
CA GLU C 177 -3.16 7.94 1.78
C GLU C 177 -4.41 7.32 2.36
N PHE C 178 -4.90 7.86 3.46
CA PHE C 178 -6.08 7.31 4.08
C PHE C 178 -7.02 8.47 4.39
N ALA C 179 -8.30 8.16 4.48
CA ALA C 179 -9.28 9.11 4.93
C ALA C 179 -9.03 9.33 6.39
N VAL C 180 -8.62 10.54 6.72
CA VAL C 180 -8.53 10.97 8.13
C VAL C 180 -9.67 11.93 8.44
N GLN C 181 -10.35 11.68 9.55
CA GLN C 181 -11.51 12.47 9.98
C GLN C 181 -11.23 13.95 9.97
N ASN C 182 -12.05 14.70 9.21
CA ASN C 182 -11.95 16.16 9.10
C ASN C 182 -10.88 16.66 8.15
N TYR C 183 -10.01 15.78 7.65
CA TYR C 183 -8.94 16.24 6.77
C TYR C 183 -9.53 16.60 5.43
N ASN C 184 -10.63 15.96 5.10
CA ASN C 184 -11.52 16.30 3.96
C ASN C 184 -10.88 16.62 2.62
N VAL C 185 -11.22 17.75 2.00
CA VAL C 185 -10.66 18.10 0.69
C VAL C 185 -9.13 18.19 0.62
N MET C 186 -8.45 18.36 1.76
CA MET C 186 -6.99 18.44 1.76
C MET C 186 -6.42 17.06 1.56
N GLY C 187 -7.11 16.04 2.11
CA GLY C 187 -6.67 14.69 1.89
C GLY C 187 -6.65 14.40 0.39
N VAL C 188 -7.57 15.03 -0.35
CA VAL C 188 -7.63 14.77 -1.80
C VAL C 188 -6.52 15.52 -2.56
N ALA C 189 -6.26 16.77 -2.16
CA ALA C 189 -5.08 17.52 -2.59
C ALA C 189 -3.73 16.83 -2.31
N LYS C 190 -3.58 16.27 -1.10
CA LYS C 190 -2.36 15.58 -0.71
C LYS C 190 -2.19 14.25 -1.48
N ALA C 191 -3.30 13.62 -1.82
CA ALA C 191 -3.27 12.39 -2.62
C ALA C 191 -2.75 12.70 -4.01
N SER C 192 -3.32 13.77 -4.56
CA SER C 192 -2.91 14.35 -5.80
C SER C 192 -1.40 14.69 -5.75
N LEU C 193 -0.94 15.38 -4.70
CA LEU C 193 0.47 15.74 -4.56
C LEU C 193 1.36 14.52 -4.61
N GLU C 194 0.98 13.50 -3.83
CA GLU C 194 1.77 12.29 -3.76
C GLU C 194 1.98 11.64 -5.13
N ALA C 195 0.93 11.65 -5.97
CA ALA C 195 0.95 11.12 -7.34
C ALA C 195 1.84 11.95 -8.24
N ASN C 196 1.73 13.26 -8.08
CA ASN C 196 2.51 14.26 -8.79
C ASN C 196 3.99 13.97 -8.57
N VAL C 197 4.37 13.82 -7.28
CA VAL C 197 5.77 13.52 -6.87
C VAL C 197 6.30 12.28 -7.55
N LYS C 198 5.50 11.20 -7.55
CA LYS C 198 5.85 10.03 -8.37
C LYS C 198 6.09 10.33 -9.88
N TYR C 199 5.16 11.04 -10.50
CA TYR C 199 5.16 11.22 -11.95
C TYR C 199 6.19 12.23 -12.40
N LEU C 200 6.50 13.18 -11.52
CA LEU C 200 7.64 14.02 -11.67
C LEU C 200 8.92 13.21 -11.51
N ALA C 201 8.89 12.18 -10.65
CA ALA C 201 10.10 11.37 -10.47
C ALA C 201 10.54 10.59 -11.70
N LEU C 202 9.56 10.14 -12.48
CA LEU C 202 9.80 9.28 -13.62
C LEU C 202 10.14 10.11 -14.84
N ASP C 203 9.47 11.25 -14.97
CA ASP C 203 9.81 12.15 -16.06
C ASP C 203 11.17 12.83 -15.77
N LEU C 204 11.45 13.09 -14.49
CA LEU C 204 12.66 13.86 -14.17
C LEU C 204 13.88 13.01 -13.81
N GLY C 205 13.65 11.73 -13.47
CA GLY C 205 14.74 10.80 -13.22
C GLY C 205 15.91 10.80 -14.23
N PRO C 206 15.62 10.74 -15.54
CA PRO C 206 16.66 10.73 -16.54
C PRO C 206 17.50 11.98 -16.56
N ASP C 207 16.95 13.11 -16.09
CA ASP C 207 17.75 14.34 -16.02
C ASP C 207 18.39 14.49 -14.63
N ASN C 208 18.75 13.33 -14.05
CA ASN C 208 19.26 13.27 -12.68
C ASN C 208 18.60 14.18 -11.59
N ILE C 209 17.30 14.38 -11.71
CA ILE C 209 16.58 15.11 -10.68
C ILE C 209 15.73 14.11 -9.85
N ARG C 210 15.97 14.02 -8.55
CA ARG C 210 15.15 13.11 -7.72
C ARG C 210 14.00 13.92 -7.11
N VAL C 211 12.86 13.26 -6.91
CA VAL C 211 11.70 13.96 -6.38
C VAL C 211 11.10 13.10 -5.29
N ASN C 212 10.84 13.70 -4.12
CA ASN C 212 10.36 12.87 -2.97
C ASN C 212 9.42 13.64 -2.07
N ALA C 213 8.81 12.97 -1.11
CA ALA C 213 7.86 13.63 -0.22
C ALA C 213 8.17 13.35 1.24
N ILE C 214 7.82 14.27 2.13
CA ILE C 214 7.86 13.94 3.51
C ILE C 214 6.46 13.94 4.05
N SER C 215 6.13 12.87 4.73
CA SER C 215 4.84 12.76 5.32
C SER C 215 4.95 13.04 6.80
N ALA C 216 4.71 14.31 7.14
CA ALA C 216 4.91 14.80 8.50
C ALA C 216 3.73 14.45 9.36
N GLY C 217 3.98 14.14 10.62
CA GLY C 217 2.91 14.07 11.60
C GLY C 217 2.38 15.46 11.89
N PRO C 218 1.25 15.55 12.62
CA PRO C 218 0.67 16.84 12.96
C PRO C 218 1.61 17.65 13.85
N ILE C 219 1.71 18.92 13.52
CA ILE C 219 2.59 19.87 14.21
C ILE C 219 1.83 21.18 14.37
N ARG C 220 1.96 21.87 15.48
CA ARG C 220 1.22 23.11 15.63
C ARG C 220 1.91 24.22 14.87
N THR C 221 1.38 24.52 13.70
CA THR C 221 1.94 25.53 12.84
C THR C 221 0.84 26.51 12.61
N LEU C 222 1.10 27.50 11.77
CA LEU C 222 0.14 28.58 11.58
C LEU C 222 -1.10 28.10 10.91
N SER C 223 -0.94 27.11 10.05
CA SER C 223 -2.05 26.59 9.26
C SER C 223 -2.81 25.49 9.97
N ALA C 224 -2.28 25.01 11.09
CA ALA C 224 -3.03 24.11 11.94
C ALA C 224 -4.06 24.85 12.79
N LYS C 225 -3.97 26.19 12.83
CA LYS C 225 -4.64 27.02 13.84
C LYS C 225 -6.18 26.95 13.93
N GLY C 226 -6.90 27.02 12.82
CA GLY C 226 -8.38 26.90 12.92
C GLY C 226 -8.95 25.48 12.88
N VAL C 227 -8.11 24.49 12.57
CA VAL C 227 -8.61 23.23 12.01
C VAL C 227 -9.13 22.17 12.98
N GLY C 228 -10.42 21.81 12.78
CA GLY C 228 -11.08 20.68 13.43
C GLY C 228 -10.41 19.36 13.02
N GLY C 229 -10.35 18.44 13.96
CA GLY C 229 -9.65 17.17 13.76
C GLY C 229 -8.20 17.24 14.19
N PHE C 230 -7.72 18.42 14.54
CA PHE C 230 -6.30 18.55 14.83
C PHE C 230 -5.93 18.04 16.23
N ASN C 231 -6.50 18.63 17.27
CA ASN C 231 -6.30 18.07 18.62
C ASN C 231 -6.63 16.57 18.76
N THR C 232 -7.68 16.15 18.08
CA THR C 232 -8.05 14.75 18.09
C THR C 232 -6.88 13.86 17.67
N ILE C 233 -6.29 14.13 16.51
CA ILE C 233 -5.28 13.24 15.99
C ILE C 233 -3.99 13.44 16.77
N LEU C 234 -3.66 14.69 17.06
CA LEU C 234 -2.46 15.03 17.81
C LEU C 234 -2.38 14.25 19.10
N LYS C 235 -3.52 14.08 19.77
CA LYS C 235 -3.58 13.32 21.01
C LYS C 235 -3.52 11.78 20.73
N GLU C 236 -4.15 11.32 19.66
CA GLU C 236 -4.08 9.90 19.35
C GLU C 236 -2.65 9.40 19.08
N ILE C 237 -1.83 10.23 18.47
CA ILE C 237 -0.40 9.96 18.21
C ILE C 237 0.34 9.61 19.51
N GLU C 238 0.25 10.51 20.49
CA GLU C 238 0.82 10.39 21.82
C GLU C 238 0.48 9.06 22.45
N GLU C 239 -0.79 8.68 22.32
CA GLU C 239 -1.28 7.43 22.88
C GLU C 239 -1.00 6.22 21.98
N ARG C 240 -0.89 6.41 20.69
CA ARG C 240 -0.94 5.27 19.79
C ARG C 240 0.29 5.05 18.94
N ALA C 241 0.92 6.10 18.41
CA ALA C 241 2.13 5.93 17.59
C ALA C 241 3.22 5.20 18.37
N PRO C 242 4.06 4.40 17.66
CA PRO C 242 5.14 3.68 18.36
C PRO C 242 5.99 4.52 19.34
N LEU C 243 6.37 5.74 18.94
CA LEU C 243 7.25 6.57 19.79
C LEU C 243 6.50 7.31 20.89
N LYS C 244 5.17 7.29 20.83
CA LYS C 244 4.30 7.79 21.91
C LYS C 244 4.59 9.26 22.23
N ARG C 245 4.88 9.98 21.14
CA ARG C 245 5.19 11.41 21.15
C ARG C 245 4.87 11.90 19.76
N ASN C 246 4.60 13.19 19.66
CA ASN C 246 4.46 13.88 18.39
C ASN C 246 5.79 14.41 17.87
N VAL C 247 5.86 14.74 16.59
CA VAL C 247 7.12 15.19 16.01
C VAL C 247 7.17 16.73 15.94
N ASP C 248 8.26 17.29 15.45
CA ASP C 248 8.41 18.73 15.38
C ASP C 248 9.14 19.12 14.11
N GLN C 249 9.21 20.42 13.88
CA GLN C 249 9.59 20.92 12.56
C GLN C 249 11.05 20.56 12.22
N VAL C 250 11.90 20.51 13.26
CA VAL C 250 13.32 20.20 13.07
C VAL C 250 13.52 18.73 12.67
N GLU C 251 12.74 17.84 13.27
CA GLU C 251 12.75 16.45 12.88
C GLU C 251 12.38 16.31 11.40
N VAL C 252 11.50 17.20 10.92
CA VAL C 252 11.17 17.22 9.47
C VAL C 252 12.38 17.70 8.67
N GLY C 253 12.99 18.78 9.11
CA GLY C 253 14.21 19.30 8.49
C GLY C 253 15.35 18.29 8.38
N LYS C 254 15.53 17.49 9.43
CA LYS C 254 16.56 16.44 9.41
C LYS C 254 16.35 15.47 8.24
N THR C 255 15.10 15.05 8.03
CA THR C 255 14.76 14.14 6.92
C THR C 255 14.83 14.90 5.62
N ALA C 256 14.48 16.17 5.65
CA ALA C 256 14.62 17.03 4.47
C ALA C 256 16.09 17.08 4.02
N ALA C 257 17.01 17.19 4.98
CA ALA C 257 18.43 17.26 4.71
C ALA C 257 18.96 15.97 4.10
N TYR C 258 18.46 14.83 4.58
CA TYR C 258 18.79 13.53 3.98
C TYR C 258 18.37 13.46 2.52
N LEU C 259 17.11 13.79 2.23
CA LEU C 259 16.61 13.66 0.87
C LEU C 259 17.20 14.72 -0.10
N LEU C 260 17.54 15.89 0.44
CA LEU C 260 18.05 16.99 -0.39
C LEU C 260 19.54 16.85 -0.69
N SER C 261 20.18 15.84 -0.08
CA SER C 261 21.61 15.58 -0.17
C SER C 261 21.86 14.29 -0.89
N ASP C 262 23.14 14.10 -1.25
CA ASP C 262 23.65 12.89 -1.88
C ASP C 262 23.41 11.64 -1.03
N LEU C 263 23.33 11.78 0.29
CA LEU C 263 23.01 10.62 1.17
C LEU C 263 21.86 9.72 0.67
N SER C 264 20.86 10.34 0.07
CA SER C 264 19.69 9.64 -0.47
C SER C 264 19.71 9.41 -2.00
N SER C 265 20.87 9.49 -2.64
CA SER C 265 20.93 9.06 -4.06
C SER C 265 20.42 7.63 -4.21
N GLY C 266 19.75 7.34 -5.31
CA GLY C 266 19.07 6.06 -5.42
C GLY C 266 17.70 6.02 -4.78
N VAL C 267 17.34 7.06 -4.04
CA VAL C 267 15.99 7.21 -3.50
C VAL C 267 15.22 8.29 -4.28
N THR C 268 14.10 7.88 -4.90
CA THR C 268 13.24 8.78 -5.66
C THR C 268 11.83 8.21 -5.71
N GLY C 269 10.83 9.10 -5.77
CA GLY C 269 9.42 8.74 -5.84
C GLY C 269 8.93 8.16 -4.53
N GLU C 270 9.59 8.59 -3.46
CA GLU C 270 9.38 7.98 -2.19
C GLU C 270 8.74 8.98 -1.28
N ASN C 271 8.04 8.47 -0.29
CA ASN C 271 7.34 9.25 0.67
C ASN C 271 7.85 8.70 2.02
N ILE C 272 8.69 9.48 2.70
CA ILE C 272 9.19 9.12 4.04
C ILE C 272 8.31 9.69 5.18
N HIS C 273 7.85 8.83 6.07
CA HIS C 273 6.95 9.28 7.12
C HIS C 273 7.72 9.70 8.39
N VAL C 274 7.66 10.99 8.72
CA VAL C 274 8.26 11.47 9.94
C VAL C 274 7.13 11.82 10.89
N ASP C 275 6.61 10.80 11.58
CA ASP C 275 5.36 10.84 12.34
C ASP C 275 5.34 9.85 13.52
N SER C 276 6.52 9.52 14.06
CA SER C 276 6.60 8.62 15.22
C SER C 276 6.10 7.21 15.00
N GLY C 277 6.08 6.79 13.74
CA GLY C 277 5.56 5.50 13.37
C GLY C 277 4.06 5.37 13.19
N PHE C 278 3.34 6.48 13.16
CA PHE C 278 1.88 6.38 13.15
C PHE C 278 1.31 5.73 11.90
N HIS C 279 1.92 6.05 10.77
CA HIS C 279 1.52 5.51 9.45
C HIS C 279 1.50 3.96 9.35
N ALA C 280 2.09 3.31 10.33
CA ALA C 280 2.41 1.89 10.22
C ALA C 280 1.53 1.07 11.15
N ILE C 281 0.65 1.74 11.91
CA ILE C 281 -0.22 1.01 12.82
C ILE C 281 -1.67 1.14 12.40
N LYS C 282 -2.50 0.24 12.92
CA LYS C 282 -3.91 0.31 12.69
C LYS C 282 -4.68 -0.20 13.89
N ASN D 29 -29.21 -10.93 -8.52
CA ASN D 29 -30.64 -10.77 -8.91
C ASN D 29 -31.02 -9.34 -8.53
N LEU D 30 -31.24 -8.53 -9.55
CA LEU D 30 -31.32 -7.08 -9.42
C LEU D 30 -32.70 -6.53 -9.80
N GLU D 31 -33.66 -7.42 -9.99
CA GLU D 31 -35.05 -7.02 -10.10
C GLU D 31 -35.42 -6.04 -8.98
N ASN D 32 -36.22 -5.03 -9.29
CA ASN D 32 -36.63 -4.03 -8.28
C ASN D 32 -35.56 -2.99 -8.01
N LYS D 33 -34.38 -3.15 -8.60
CA LYS D 33 -33.27 -2.23 -8.35
C LYS D 33 -33.11 -1.23 -9.50
N THR D 34 -32.66 -0.01 -9.16
CA THR D 34 -32.49 1.04 -10.14
C THR D 34 -31.11 1.71 -10.03
N TYR D 35 -30.36 1.74 -11.13
CA TYR D 35 -29.04 2.31 -11.12
C TYR D 35 -28.97 3.40 -12.19
N VAL D 36 -28.22 4.45 -11.90
CA VAL D 36 -27.87 5.47 -12.89
C VAL D 36 -26.46 5.12 -13.41
N ILE D 37 -26.31 5.08 -14.74
CA ILE D 37 -25.02 4.85 -15.35
C ILE D 37 -24.60 6.09 -16.08
N MET D 38 -23.46 6.63 -15.68
CA MET D 38 -22.91 7.82 -16.31
C MET D 38 -21.66 7.46 -17.14
N GLY D 39 -21.54 8.03 -18.32
CA GLY D 39 -20.32 7.92 -19.11
C GLY D 39 -20.34 6.92 -20.27
N ILE D 40 -21.53 6.60 -20.80
CA ILE D 40 -21.58 5.83 -22.04
C ILE D 40 -21.46 6.79 -23.20
N ALA D 41 -20.45 6.59 -24.03
CA ALA D 41 -20.32 7.26 -25.32
C ALA D 41 -20.84 6.38 -26.46
N ASN D 42 -20.46 5.09 -26.46
CA ASN D 42 -20.81 4.10 -27.50
C ASN D 42 -20.74 2.64 -27.02
N LYS D 43 -20.85 1.70 -27.96
CA LYS D 43 -20.91 0.27 -27.69
C LYS D 43 -19.64 -0.25 -27.00
N ARG D 44 -18.55 0.52 -27.06
CA ARG D 44 -17.23 0.12 -26.51
C ARG D 44 -16.86 0.74 -25.16
N SER D 45 -17.70 1.65 -24.69
CA SER D 45 -17.57 2.24 -23.36
C SER D 45 -17.59 1.17 -22.27
N ILE D 46 -16.73 1.37 -21.26
CA ILE D 46 -16.69 0.51 -20.10
C ILE D 46 -18.09 0.45 -19.50
N ALA D 47 -18.73 1.60 -19.49
CA ALA D 47 -20.07 1.74 -18.94
C ALA D 47 -21.11 0.94 -19.71
N PHE D 48 -20.88 0.68 -21.00
CA PHE D 48 -21.83 -0.16 -21.74
C PHE D 48 -21.74 -1.63 -21.28
N GLY D 49 -20.56 -2.04 -20.83
CA GLY D 49 -20.35 -3.38 -20.30
C GLY D 49 -21.10 -3.50 -19.01
N VAL D 50 -20.99 -2.46 -18.19
CA VAL D 50 -21.75 -2.36 -16.95
C VAL D 50 -23.27 -2.48 -17.26
N ALA D 51 -23.78 -1.58 -18.08
CA ALA D 51 -25.18 -1.65 -18.56
C ALA D 51 -25.69 -3.04 -18.90
N LYS D 52 -24.98 -3.74 -19.78
CA LYS D 52 -25.42 -5.02 -20.27
C LYS D 52 -25.56 -6.05 -19.14
N VAL D 53 -24.67 -5.98 -18.15
CA VAL D 53 -24.64 -6.94 -17.03
C VAL D 53 -25.78 -6.72 -16.03
N LEU D 54 -25.98 -5.46 -15.62
CA LEU D 54 -27.11 -5.14 -14.75
C LEU D 54 -28.43 -5.34 -15.51
N ASP D 55 -28.46 -5.03 -16.81
CA ASP D 55 -29.68 -5.25 -17.56
C ASP D 55 -30.05 -6.75 -17.50
N GLN D 56 -29.09 -7.60 -17.87
CA GLN D 56 -29.25 -9.06 -17.86
C GLN D 56 -29.76 -9.58 -16.51
N LEU D 57 -29.24 -9.00 -15.44
CA LEU D 57 -29.65 -9.30 -14.08
C LEU D 57 -30.96 -8.61 -13.65
N GLY D 58 -31.63 -7.91 -14.57
CA GLY D 58 -32.96 -7.41 -14.33
C GLY D 58 -33.11 -6.07 -13.64
N ALA D 59 -32.02 -5.34 -13.47
CA ALA D 59 -32.05 -3.97 -12.95
C ALA D 59 -32.77 -3.01 -13.89
N LYS D 60 -33.56 -2.09 -13.31
CA LYS D 60 -33.95 -0.87 -14.05
C LYS D 60 -32.76 0.09 -14.17
N LEU D 61 -32.54 0.60 -15.38
CA LEU D 61 -31.41 1.45 -15.61
C LEU D 61 -31.73 2.86 -16.08
N VAL D 62 -30.89 3.79 -15.68
CA VAL D 62 -30.98 5.19 -16.08
C VAL D 62 -29.61 5.64 -16.63
N PHE D 63 -29.62 6.42 -17.71
CA PHE D 63 -28.34 6.79 -18.32
C PHE D 63 -28.15 8.29 -18.42
N THR D 64 -26.90 8.73 -18.27
CA THR D 64 -26.57 10.14 -18.52
C THR D 64 -25.50 10.28 -19.61
N TYR D 65 -25.48 11.44 -20.27
CA TYR D 65 -24.57 11.75 -21.39
C TYR D 65 -24.17 13.24 -21.42
N ARG D 66 -22.99 13.51 -21.98
CA ARG D 66 -22.45 14.86 -22.10
C ARG D 66 -23.05 15.68 -23.25
N LYS D 67 -23.10 15.10 -24.45
CA LYS D 67 -23.44 15.84 -25.67
C LYS D 67 -24.57 15.20 -26.53
N GLU D 68 -24.64 15.52 -27.83
CA GLU D 68 -25.66 14.98 -28.79
C GLU D 68 -25.22 13.80 -29.67
N ARG D 69 -23.94 13.44 -29.60
CA ARG D 69 -23.41 12.25 -30.24
C ARG D 69 -23.84 11.08 -29.40
N SER D 70 -23.53 11.18 -28.10
CA SER D 70 -23.91 10.16 -27.15
C SER D 70 -25.44 10.11 -27.03
N ARG D 71 -26.12 11.06 -27.68
CA ARG D 71 -27.56 11.19 -27.52
C ARG D 71 -28.37 10.25 -28.40
N LYS D 72 -28.36 10.49 -29.72
CA LYS D 72 -29.00 9.58 -30.68
C LYS D 72 -28.39 8.19 -30.51
N GLU D 73 -27.06 8.16 -30.39
CA GLU D 73 -26.29 6.95 -30.21
C GLU D 73 -26.84 6.07 -29.12
N LEU D 74 -26.83 6.59 -27.89
CA LEU D 74 -27.39 5.89 -26.73
C LEU D 74 -28.72 5.22 -27.03
N GLU D 75 -29.68 6.01 -27.50
CA GLU D 75 -31.03 5.53 -27.86
C GLU D 75 -30.94 4.24 -28.66
N LYS D 76 -30.10 4.22 -29.69
CA LYS D 76 -29.93 3.03 -30.53
C LYS D 76 -29.37 1.86 -29.70
N LEU D 77 -28.40 2.17 -28.83
CA LEU D 77 -27.74 1.17 -28.02
C LEU D 77 -28.67 0.45 -27.06
N LEU D 78 -29.68 1.16 -26.55
CA LEU D 78 -30.62 0.59 -25.59
C LEU D 78 -31.64 -0.39 -26.18
N GLU D 79 -31.59 -0.54 -27.50
CA GLU D 79 -32.30 -1.61 -28.22
C GLU D 79 -31.56 -2.93 -28.02
N GLN D 80 -30.35 -2.85 -27.49
CA GLN D 80 -29.57 -4.04 -27.14
C GLN D 80 -30.03 -4.57 -25.79
N LEU D 81 -30.65 -3.68 -25.03
CA LEU D 81 -31.05 -3.99 -23.68
C LEU D 81 -32.51 -4.39 -23.62
N ASN D 82 -33.00 -4.54 -22.41
CA ASN D 82 -34.31 -5.04 -22.12
C ASN D 82 -34.95 -4.06 -21.15
N GLN D 83 -34.81 -2.78 -21.50
CA GLN D 83 -35.40 -1.70 -20.72
C GLN D 83 -36.78 -1.33 -21.32
N PRO D 84 -37.86 -1.53 -20.52
CA PRO D 84 -39.20 -1.14 -20.95
C PRO D 84 -39.27 0.33 -21.34
N GLU D 85 -38.57 1.18 -20.59
CA GLU D 85 -38.49 2.59 -20.97
C GLU D 85 -37.14 3.27 -20.77
N ALA D 86 -36.95 4.26 -21.63
CA ALA D 86 -35.66 4.87 -21.87
C ALA D 86 -35.52 6.14 -21.06
N HIS D 87 -34.85 6.04 -19.93
CA HIS D 87 -34.59 7.20 -19.13
C HIS D 87 -33.17 7.75 -19.40
N LEU D 88 -33.04 8.79 -20.24
CA LEU D 88 -31.74 9.44 -20.46
C LEU D 88 -31.74 10.91 -20.14
N TYR D 89 -30.65 11.38 -19.53
CA TYR D 89 -30.59 12.74 -19.04
C TYR D 89 -29.29 13.36 -19.43
N GLN D 90 -29.38 14.57 -19.92
CA GLN D 90 -28.19 15.24 -20.30
C GLN D 90 -27.55 15.91 -19.06
N ILE D 91 -26.44 15.32 -18.63
CA ILE D 91 -25.68 15.89 -17.52
C ILE D 91 -24.23 16.07 -17.91
N ASP D 92 -23.80 17.32 -17.96
CA ASP D 92 -22.39 17.64 -18.08
C ASP D 92 -21.81 17.89 -16.67
N VAL D 93 -20.82 17.11 -16.26
CA VAL D 93 -20.34 17.19 -14.86
C VAL D 93 -19.61 18.48 -14.49
N GLN D 94 -19.32 19.32 -15.48
CA GLN D 94 -18.70 20.64 -15.21
C GLN D 94 -19.70 21.71 -14.76
N SER D 95 -20.99 21.48 -14.96
CA SER D 95 -21.95 22.37 -14.41
C SER D 95 -22.56 21.78 -13.14
N ASP D 96 -22.53 22.53 -12.05
CA ASP D 96 -23.21 22.13 -10.82
C ASP D 96 -24.75 22.07 -11.08
N GLU D 97 -25.25 23.06 -11.83
CA GLU D 97 -26.65 23.17 -12.24
C GLU D 97 -27.17 21.95 -12.97
N GLU D 98 -26.37 21.44 -13.90
CA GLU D 98 -26.75 20.24 -14.67
C GLU D 98 -26.71 18.97 -13.82
N VAL D 99 -25.78 18.85 -12.88
CA VAL D 99 -25.77 17.70 -11.99
C VAL D 99 -26.88 17.78 -10.95
N ILE D 100 -27.14 18.97 -10.40
CA ILE D 100 -28.19 19.16 -9.39
C ILE D 100 -29.57 18.90 -9.99
N ASN D 101 -29.87 19.58 -11.10
CA ASN D 101 -31.16 19.47 -11.81
C ASN D 101 -31.38 18.10 -12.45
N GLY D 102 -30.34 17.59 -13.09
CA GLY D 102 -30.32 16.21 -13.60
C GLY D 102 -30.67 15.12 -12.60
N PHE D 103 -30.02 15.10 -11.44
CA PHE D 103 -30.39 14.09 -10.45
C PHE D 103 -31.76 14.31 -9.82
N GLU D 104 -32.16 15.57 -9.67
CA GLU D 104 -33.49 15.90 -9.17
C GLU D 104 -34.55 15.37 -10.13
N GLN D 105 -34.35 15.60 -11.43
CA GLN D 105 -35.26 15.10 -12.48
C GLN D 105 -35.38 13.56 -12.46
N ILE D 106 -34.24 12.87 -12.34
CA ILE D 106 -34.18 11.42 -12.21
C ILE D 106 -35.07 11.01 -11.03
N GLY D 107 -34.91 11.67 -9.89
CA GLY D 107 -35.78 11.44 -8.76
C GLY D 107 -37.27 11.53 -9.10
N LYS D 108 -37.67 12.61 -9.78
CA LYS D 108 -39.08 12.84 -10.16
C LYS D 108 -39.68 11.85 -11.15
N ASP D 109 -38.83 11.29 -12.03
CA ASP D 109 -39.26 10.28 -13.01
C ASP D 109 -39.24 8.81 -12.51
N VAL D 110 -38.28 8.43 -11.69
CA VAL D 110 -38.09 7.00 -11.35
C VAL D 110 -38.12 6.69 -9.83
N GLY D 111 -38.13 7.73 -8.99
CA GLY D 111 -38.18 7.54 -7.55
C GLY D 111 -36.80 7.38 -6.96
N ASN D 112 -36.70 6.67 -5.86
CA ASN D 112 -35.41 6.40 -5.24
C ASN D 112 -34.55 5.47 -6.10
N ILE D 113 -33.24 5.50 -5.88
CA ILE D 113 -32.32 4.65 -6.60
C ILE D 113 -31.55 3.79 -5.60
N ASP D 114 -30.81 2.84 -6.14
CA ASP D 114 -29.96 1.96 -5.34
C ASP D 114 -28.44 2.18 -5.59
N GLY D 115 -28.10 3.00 -6.58
CA GLY D 115 -26.71 3.23 -6.91
C GLY D 115 -26.44 4.04 -8.16
N VAL D 116 -25.16 4.37 -8.37
CA VAL D 116 -24.65 5.14 -9.51
C VAL D 116 -23.34 4.48 -9.97
N TYR D 117 -23.24 4.20 -11.27
CA TYR D 117 -21.96 3.86 -11.88
C TYR D 117 -21.29 5.05 -12.53
N HIS D 118 -20.25 5.54 -11.86
CA HIS D 118 -19.42 6.60 -12.41
C HIS D 118 -18.36 6.05 -13.37
N SER D 119 -18.39 6.52 -14.62
CA SER D 119 -17.40 6.14 -15.66
C SER D 119 -17.00 7.37 -16.52
N ILE D 120 -16.77 8.51 -15.87
CA ILE D 120 -16.45 9.78 -16.53
C ILE D 120 -15.01 10.30 -16.22
N ALA D 121 -14.21 10.54 -17.23
CA ALA D 121 -12.96 11.26 -17.07
C ALA D 121 -12.57 12.02 -18.34
N PHE D 122 -11.61 12.92 -18.18
CA PHE D 122 -11.04 13.59 -19.31
C PHE D 122 -9.68 14.18 -18.99
N ALA D 123 -8.71 13.97 -19.88
CA ALA D 123 -7.46 14.72 -19.87
C ALA D 123 -7.28 15.27 -21.27
N ASN D 124 -6.69 16.46 -21.41
CA ASN D 124 -6.31 16.93 -22.74
C ASN D 124 -5.28 16.00 -23.32
N MET D 125 -5.40 15.73 -24.61
CA MET D 125 -4.51 14.83 -25.32
C MET D 125 -3.05 15.26 -25.32
N GLU D 126 -2.83 16.55 -25.44
CA GLU D 126 -1.49 17.14 -25.51
C GLU D 126 -0.70 16.87 -24.24
N ASP D 127 -1.42 16.91 -23.11
CA ASP D 127 -0.85 16.71 -21.77
C ASP D 127 -0.38 15.26 -21.49
N LEU D 128 -0.84 14.33 -22.32
CA LEU D 128 -0.48 12.94 -22.22
C LEU D 128 0.74 12.56 -23.07
N ARG D 129 0.93 13.24 -24.19
CA ARG D 129 2.06 12.89 -25.09
C ARG D 129 3.22 13.89 -25.05
N GLY D 130 3.07 14.92 -24.21
CA GLY D 130 4.19 15.75 -23.80
C GLY D 130 4.73 15.22 -22.47
N ARG D 131 5.62 15.99 -21.83
CA ARG D 131 6.19 15.56 -20.57
C ARG D 131 5.30 16.01 -19.40
N PHE D 132 5.05 15.11 -18.44
CA PHE D 132 4.20 15.49 -17.30
C PHE D 132 4.62 16.78 -16.62
N SER D 133 5.93 17.03 -16.57
CA SER D 133 6.45 18.26 -15.99
C SER D 133 5.95 19.52 -16.75
N GLU D 134 5.46 19.33 -17.98
CA GLU D 134 5.01 20.43 -18.86
C GLU D 134 3.50 20.63 -18.87
N THR D 135 2.79 19.81 -18.10
CA THR D 135 1.36 19.96 -17.98
C THR D 135 0.94 21.38 -17.62
N SER D 136 0.08 21.92 -18.45
CA SER D 136 -0.56 23.20 -18.20
C SER D 136 -1.38 23.10 -16.93
N ARG D 137 -1.53 24.25 -16.26
CA ARG D 137 -2.43 24.45 -15.12
C ARG D 137 -3.88 24.16 -15.56
N GLU D 138 -4.28 24.69 -16.72
CA GLU D 138 -5.62 24.45 -17.31
C GLU D 138 -5.88 22.99 -17.58
N GLY D 139 -4.97 22.33 -18.29
CA GLY D 139 -5.09 20.87 -18.52
C GLY D 139 -5.14 20.06 -17.24
N PHE D 140 -4.37 20.49 -16.24
CA PHE D 140 -4.35 19.83 -14.95
C PHE D 140 -5.64 20.02 -14.14
N LEU D 141 -6.07 21.26 -14.01
CA LEU D 141 -7.26 21.53 -13.27
C LEU D 141 -8.48 20.97 -14.01
N LEU D 142 -8.35 20.85 -15.34
CA LEU D 142 -9.42 20.32 -16.17
C LEU D 142 -9.67 18.85 -15.83
N ALA D 143 -8.59 18.08 -15.78
CA ALA D 143 -8.65 16.66 -15.51
C ALA D 143 -9.09 16.34 -14.05
N GLN D 144 -8.65 17.15 -13.09
CA GLN D 144 -9.22 17.13 -11.74
C GLN D 144 -10.75 17.32 -11.71
N ASP D 145 -11.23 18.35 -12.38
CA ASP D 145 -12.62 18.76 -12.36
C ASP D 145 -13.54 17.62 -12.84
N ILE D 146 -13.21 17.06 -14.00
CA ILE D 146 -14.08 16.12 -14.67
C ILE D 146 -13.93 14.74 -14.02
N SER D 147 -12.68 14.34 -13.77
CA SER D 147 -12.35 12.95 -13.44
C SER D 147 -12.44 12.64 -11.96
N SER D 148 -12.41 13.67 -11.12
CA SER D 148 -12.42 13.47 -9.71
C SER D 148 -13.54 14.22 -9.01
N TYR D 149 -13.57 15.56 -9.13
CA TYR D 149 -14.63 16.34 -8.46
C TYR D 149 -16.04 15.93 -8.88
N SER D 150 -16.21 15.52 -10.13
CA SER D 150 -17.51 15.04 -10.59
C SER D 150 -18.13 14.07 -9.59
N LEU D 151 -17.28 13.31 -8.92
CA LEU D 151 -17.82 12.19 -8.21
C LEU D 151 -18.31 12.69 -6.87
N THR D 152 -17.67 13.76 -6.40
CA THR D 152 -18.06 14.33 -5.15
C THR D 152 -19.44 14.92 -5.32
N ILE D 153 -19.59 15.80 -6.31
CA ILE D 153 -20.88 16.52 -6.51
C ILE D 153 -22.02 15.57 -6.87
N VAL D 154 -21.74 14.64 -7.78
CA VAL D 154 -22.70 13.60 -8.11
C VAL D 154 -23.11 12.78 -6.88
N ALA D 155 -22.18 12.55 -5.95
CA ALA D 155 -22.47 11.73 -4.77
C ALA D 155 -23.33 12.48 -3.77
N HIS D 156 -23.14 13.79 -3.71
CA HIS D 156 -23.96 14.62 -2.84
C HIS D 156 -25.40 14.62 -3.37
N GLU D 157 -25.53 14.68 -4.70
CA GLU D 157 -26.85 14.75 -5.32
C GLU D 157 -27.56 13.43 -5.32
N ALA D 158 -26.83 12.37 -5.67
CA ALA D 158 -27.43 11.04 -5.70
C ALA D 158 -27.87 10.56 -4.30
N LYS D 159 -27.19 11.05 -3.27
CA LYS D 159 -27.54 10.76 -1.90
C LYS D 159 -29.01 11.14 -1.60
N LYS D 160 -29.49 12.20 -2.25
CA LYS D 160 -30.84 12.61 -1.94
C LYS D 160 -31.85 11.52 -2.29
N LEU D 161 -31.48 10.71 -3.29
CA LEU D 161 -32.32 9.66 -3.86
C LEU D 161 -32.07 8.27 -3.25
N MET D 162 -31.19 8.22 -2.25
CA MET D 162 -30.85 6.99 -1.54
C MET D 162 -31.12 7.14 -0.04
N PRO D 163 -32.41 7.15 0.37
CA PRO D 163 -32.75 7.42 1.78
C PRO D 163 -32.37 6.29 2.72
N GLU D 164 -32.38 5.05 2.21
CA GLU D 164 -32.07 3.89 3.02
C GLU D 164 -30.73 3.30 2.60
N GLY D 165 -29.97 4.07 1.83
CA GLY D 165 -28.62 3.73 1.52
C GLY D 165 -28.50 3.25 0.11
N GLY D 166 -27.26 2.92 -0.27
CA GLY D 166 -26.97 2.34 -1.56
C GLY D 166 -25.49 2.22 -1.85
N SER D 167 -25.16 2.25 -3.14
CA SER D 167 -23.81 1.90 -3.58
C SER D 167 -23.31 2.76 -4.75
N ILE D 168 -22.18 3.45 -4.56
CA ILE D 168 -21.58 4.24 -5.66
C ILE D 168 -20.22 3.64 -6.04
N VAL D 169 -20.04 3.42 -7.34
CA VAL D 169 -18.79 2.88 -7.91
C VAL D 169 -18.19 3.81 -8.95
N ALA D 170 -16.88 4.00 -8.88
CA ALA D 170 -16.18 4.75 -9.90
C ALA D 170 -15.09 3.90 -10.52
N THR D 171 -14.56 4.36 -11.64
CA THR D 171 -13.68 3.57 -12.48
C THR D 171 -12.35 4.26 -12.49
N THR D 172 -11.31 3.52 -12.10
CA THR D 172 -9.99 4.08 -12.03
C THR D 172 -9.00 3.21 -12.76
N TYR D 173 -7.75 3.62 -12.72
CA TYR D 173 -6.67 2.91 -13.40
C TYR D 173 -5.43 2.86 -12.49
N LEU D 174 -4.66 1.78 -12.56
CA LEU D 174 -3.40 1.62 -11.80
C LEU D 174 -2.45 2.85 -11.83
N GLY D 175 -2.62 3.72 -12.82
CA GLY D 175 -1.76 4.89 -12.97
C GLY D 175 -2.04 5.89 -11.87
N GLY D 176 -3.25 5.82 -11.30
CA GLY D 176 -3.61 6.58 -10.10
C GLY D 176 -2.71 6.22 -8.94
N GLU D 177 -2.23 4.96 -8.89
CA GLU D 177 -1.42 4.37 -7.80
C GLU D 177 0.11 4.35 -7.98
N PHE D 178 0.57 3.98 -9.18
CA PHE D 178 1.97 4.02 -9.54
C PHE D 178 2.10 4.85 -10.81
N ALA D 179 3.29 5.39 -11.03
CA ALA D 179 3.52 6.13 -12.26
C ALA D 179 3.68 5.17 -13.43
N VAL D 180 2.71 5.24 -14.33
CA VAL D 180 2.76 4.50 -15.58
C VAL D 180 3.18 5.47 -16.67
N GLN D 181 4.08 5.03 -17.54
CA GLN D 181 4.56 5.84 -18.66
C GLN D 181 3.41 6.39 -19.51
N ASN D 182 3.46 7.71 -19.73
CA ASN D 182 2.53 8.47 -20.59
C ASN D 182 1.10 8.64 -20.08
N TYR D 183 0.80 8.10 -18.91
CA TYR D 183 -0.50 8.33 -18.30
C TYR D 183 -0.58 9.74 -17.69
N ASN D 184 0.57 10.20 -17.20
CA ASN D 184 0.77 11.61 -16.80
C ASN D 184 -0.35 12.18 -15.98
N VAL D 185 -0.86 13.34 -16.44
CA VAL D 185 -1.90 14.11 -15.74
C VAL D 185 -3.17 13.34 -15.34
N MET D 186 -3.54 12.32 -16.13
CA MET D 186 -4.66 11.42 -15.79
C MET D 186 -4.36 10.50 -14.59
N GLY D 187 -3.08 10.20 -14.41
CA GLY D 187 -2.59 9.48 -13.24
C GLY D 187 -2.82 10.30 -11.98
N VAL D 188 -2.42 11.59 -12.04
CA VAL D 188 -2.67 12.51 -10.92
C VAL D 188 -4.18 12.67 -10.71
N ALA D 189 -4.93 12.75 -11.81
CA ALA D 189 -6.36 12.90 -11.74
C ALA D 189 -7.05 11.68 -11.09
N LYS D 190 -6.50 10.48 -11.29
CA LYS D 190 -7.06 9.22 -10.73
C LYS D 190 -6.60 8.92 -9.29
N ALA D 191 -5.40 9.37 -8.95
CA ALA D 191 -5.01 9.36 -7.57
C ALA D 191 -6.04 10.15 -6.77
N SER D 192 -6.41 11.31 -7.31
CA SER D 192 -7.41 12.21 -6.71
C SER D 192 -8.80 11.56 -6.54
N LEU D 193 -9.27 10.95 -7.63
CA LEU D 193 -10.47 10.12 -7.58
C LEU D 193 -10.44 9.05 -6.46
N GLU D 194 -9.31 8.33 -6.35
CA GLU D 194 -9.21 7.18 -5.47
C GLU D 194 -9.24 7.61 -3.98
N ALA D 195 -8.65 8.77 -3.72
CA ALA D 195 -8.80 9.44 -2.42
C ALA D 195 -10.21 9.98 -2.23
N ASN D 196 -10.83 10.47 -3.31
CA ASN D 196 -12.25 10.93 -3.31
C ASN D 196 -13.14 9.79 -2.79
N VAL D 197 -12.94 8.62 -3.37
CA VAL D 197 -13.65 7.42 -2.98
C VAL D 197 -13.55 7.18 -1.48
N LYS D 198 -12.31 7.21 -0.99
CA LYS D 198 -12.02 7.02 0.43
C LYS D 198 -12.71 8.02 1.34
N TYR D 199 -12.64 9.32 1.00
CA TYR D 199 -13.32 10.34 1.77
C TYR D 199 -14.84 10.32 1.64
N LEU D 200 -15.36 9.90 0.50
CA LEU D 200 -16.80 9.73 0.34
C LEU D 200 -17.27 8.53 1.12
N ALA D 201 -16.49 7.44 1.13
CA ALA D 201 -16.93 6.25 1.81
C ALA D 201 -17.10 6.54 3.27
N LEU D 202 -16.14 7.26 3.88
CA LEU D 202 -16.18 7.60 5.30
C LEU D 202 -17.25 8.64 5.65
N ASP D 203 -17.56 9.50 4.69
CA ASP D 203 -18.56 10.55 4.90
C ASP D 203 -19.97 9.98 4.83
N LEU D 204 -20.20 9.11 3.83
CA LEU D 204 -21.54 8.60 3.57
C LEU D 204 -21.78 7.23 4.17
N GLY D 205 -20.76 6.65 4.79
CA GLY D 205 -20.87 5.32 5.37
C GLY D 205 -21.95 5.27 6.45
N PRO D 206 -21.99 6.31 7.34
CA PRO D 206 -23.05 6.36 8.35
C PRO D 206 -24.43 6.54 7.72
N ASP D 207 -24.54 7.20 6.59
CA ASP D 207 -25.82 7.15 5.84
C ASP D 207 -26.06 5.82 5.10
N ASN D 208 -25.20 4.82 5.29
CA ASN D 208 -25.36 3.49 4.67
C ASN D 208 -25.16 3.48 3.16
N ILE D 209 -24.34 4.38 2.68
CA ILE D 209 -24.05 4.46 1.28
C ILE D 209 -22.59 4.06 1.10
N ARG D 210 -22.37 3.05 0.26
CA ARG D 210 -21.01 2.53 0.05
C ARG D 210 -20.40 3.21 -1.16
N VAL D 211 -19.12 3.57 -1.07
CA VAL D 211 -18.44 4.23 -2.19
C VAL D 211 -17.15 3.43 -2.40
N ASN D 212 -17.00 2.87 -3.60
CA ASN D 212 -15.87 1.94 -3.97
C ASN D 212 -15.34 2.27 -5.35
N ALA D 213 -14.17 1.74 -5.75
CA ALA D 213 -13.66 1.90 -7.14
C ALA D 213 -13.34 0.57 -7.79
N ILE D 214 -13.36 0.55 -9.12
CA ILE D 214 -12.91 -0.59 -9.92
C ILE D 214 -11.72 -0.07 -10.67
N SER D 215 -10.56 -0.69 -10.46
CA SER D 215 -9.36 -0.31 -11.19
C SER D 215 -9.30 -1.28 -12.33
N ALA D 216 -9.61 -0.83 -13.54
CA ALA D 216 -9.74 -1.73 -14.66
C ALA D 216 -8.41 -1.78 -15.40
N GLY D 217 -8.09 -2.94 -15.95
CA GLY D 217 -6.94 -3.06 -16.85
C GLY D 217 -7.23 -2.39 -18.15
N PRO D 218 -6.24 -2.30 -19.07
CA PRO D 218 -6.51 -1.51 -20.25
C PRO D 218 -7.53 -2.13 -21.21
N ILE D 219 -8.47 -1.32 -21.69
CA ILE D 219 -9.44 -1.78 -22.66
C ILE D 219 -9.57 -0.84 -23.84
N ARG D 220 -9.78 -1.43 -25.03
CA ARG D 220 -10.00 -0.71 -26.28
C ARG D 220 -11.31 0.06 -26.39
N THR D 221 -11.36 1.23 -25.78
CA THR D 221 -12.56 2.02 -25.79
C THR D 221 -12.28 3.16 -26.73
N LEU D 222 -13.26 4.05 -26.91
CA LEU D 222 -13.09 5.21 -27.80
C LEU D 222 -11.96 6.16 -27.34
N SER D 223 -11.89 6.44 -26.05
CA SER D 223 -10.83 7.29 -25.51
C SER D 223 -9.44 6.67 -25.70
N ALA D 224 -9.39 5.33 -25.72
CA ALA D 224 -8.15 4.60 -25.97
C ALA D 224 -7.50 4.86 -27.36
N LYS D 225 -8.26 5.39 -28.32
CA LYS D 225 -7.73 5.74 -29.66
C LYS D 225 -6.77 6.93 -29.70
N GLY D 226 -5.61 6.73 -30.34
CA GLY D 226 -4.60 7.79 -30.45
C GLY D 226 -3.92 8.24 -29.17
N VAL D 227 -3.88 7.37 -28.16
CA VAL D 227 -3.11 7.62 -26.95
C VAL D 227 -1.74 6.94 -27.08
N GLY D 228 -0.68 7.66 -26.68
CA GLY D 228 0.69 7.18 -26.81
C GLY D 228 1.06 6.05 -25.87
N GLY D 229 1.61 4.98 -26.45
CA GLY D 229 2.07 3.82 -25.69
C GLY D 229 0.97 2.95 -25.10
N PHE D 230 -0.25 3.08 -25.60
CA PHE D 230 -1.39 2.32 -25.07
C PHE D 230 -1.33 0.85 -25.48
N ASN D 231 -1.24 0.62 -26.79
CA ASN D 231 -1.35 -0.73 -27.37
C ASN D 231 -0.10 -1.58 -27.14
N THR D 232 0.93 -0.97 -26.57
CA THR D 232 2.07 -1.69 -26.04
C THR D 232 1.69 -2.29 -24.68
N ILE D 233 0.86 -1.56 -23.93
CA ILE D 233 0.43 -2.09 -22.63
C ILE D 233 -0.40 -3.33 -22.85
N LEU D 234 -1.41 -3.25 -23.70
CA LEU D 234 -2.22 -4.41 -23.98
C LEU D 234 -1.34 -5.63 -24.18
N LYS D 235 -0.23 -5.45 -24.88
CA LYS D 235 0.71 -6.54 -25.16
C LYS D 235 1.46 -6.98 -23.90
N GLU D 236 2.09 -6.03 -23.22
CA GLU D 236 2.81 -6.34 -21.99
C GLU D 236 1.94 -7.07 -20.94
N ILE D 237 0.66 -6.73 -20.89
CA ILE D 237 -0.29 -7.42 -20.01
C ILE D 237 -0.35 -8.89 -20.39
N GLU D 238 -0.58 -9.15 -21.68
CA GLU D 238 -0.57 -10.50 -22.27
C GLU D 238 0.62 -11.34 -21.81
N GLU D 239 1.81 -10.76 -21.89
CA GLU D 239 3.04 -11.46 -21.58
C GLU D 239 3.30 -11.60 -20.06
N ARG D 240 3.02 -10.55 -19.30
CA ARG D 240 3.44 -10.47 -17.89
C ARG D 240 2.38 -10.78 -16.81
N ALA D 241 1.15 -10.27 -16.98
CA ALA D 241 0.09 -10.37 -15.94
C ALA D 241 -0.17 -11.83 -15.59
N PRO D 242 -0.54 -12.11 -14.33
CA PRO D 242 -0.71 -13.52 -13.92
C PRO D 242 -1.53 -14.35 -14.90
N LEU D 243 -2.54 -13.71 -15.50
CA LEU D 243 -3.52 -14.40 -16.31
C LEU D 243 -3.20 -14.40 -17.79
N LYS D 244 -2.12 -13.72 -18.19
CA LYS D 244 -1.56 -13.82 -19.55
C LYS D 244 -2.56 -13.43 -20.67
N ARG D 245 -3.49 -12.58 -20.28
CA ARG D 245 -4.57 -12.09 -21.13
C ARG D 245 -4.99 -10.70 -20.65
N ASN D 246 -5.73 -9.98 -21.49
CA ASN D 246 -6.36 -8.72 -21.10
C ASN D 246 -7.82 -8.91 -20.60
N VAL D 247 -8.37 -7.87 -19.97
CA VAL D 247 -9.78 -7.86 -19.60
C VAL D 247 -10.71 -7.19 -20.64
N ASP D 248 -12.03 -7.31 -20.43
CA ASP D 248 -13.02 -6.63 -21.27
C ASP D 248 -14.16 -5.97 -20.46
N GLN D 249 -14.90 -5.09 -21.11
CA GLN D 249 -15.86 -4.20 -20.44
C GLN D 249 -16.90 -4.98 -19.66
N VAL D 250 -17.16 -6.20 -20.11
CA VAL D 250 -18.13 -7.07 -19.46
C VAL D 250 -17.53 -7.62 -18.20
N GLU D 251 -16.21 -7.79 -18.20
CA GLU D 251 -15.56 -8.16 -16.95
C GLU D 251 -15.64 -7.07 -15.90
N VAL D 252 -15.38 -5.82 -16.25
CA VAL D 252 -15.59 -4.71 -15.33
C VAL D 252 -17.05 -4.74 -14.84
N GLY D 253 -18.01 -4.80 -15.78
CA GLY D 253 -19.45 -4.90 -15.45
C GLY D 253 -19.82 -5.90 -14.36
N LYS D 254 -19.31 -7.13 -14.46
CA LYS D 254 -19.55 -8.15 -13.46
C LYS D 254 -19.15 -7.72 -12.02
N THR D 255 -17.88 -7.41 -11.84
CA THR D 255 -17.42 -6.77 -10.63
C THR D 255 -18.30 -5.57 -10.21
N ALA D 256 -18.86 -4.86 -11.19
CA ALA D 256 -19.76 -3.74 -10.91
C ALA D 256 -21.06 -4.26 -10.34
N ALA D 257 -21.56 -5.38 -10.86
CA ALA D 257 -22.74 -6.00 -10.31
C ALA D 257 -22.45 -6.31 -8.84
N TYR D 258 -21.26 -6.85 -8.57
CA TYR D 258 -20.87 -7.17 -7.21
C TYR D 258 -20.92 -5.95 -6.33
N LEU D 259 -20.21 -4.88 -6.73
CA LEU D 259 -20.12 -3.68 -5.87
C LEU D 259 -21.45 -2.99 -5.69
N LEU D 260 -22.32 -3.08 -6.72
CA LEU D 260 -23.62 -2.43 -6.67
C LEU D 260 -24.73 -3.25 -5.97
N SER D 261 -24.47 -4.51 -5.68
CA SER D 261 -25.49 -5.33 -5.09
C SER D 261 -25.13 -5.59 -3.64
N ASP D 262 -26.01 -6.28 -2.96
CA ASP D 262 -25.85 -6.59 -1.54
C ASP D 262 -24.76 -7.66 -1.32
N LEU D 263 -24.27 -8.28 -2.39
CA LEU D 263 -23.15 -9.24 -2.29
C LEU D 263 -21.90 -8.66 -1.66
N SER D 264 -21.65 -7.37 -1.93
CA SER D 264 -20.58 -6.56 -1.30
C SER D 264 -21.00 -5.77 -0.02
N SER D 265 -22.11 -6.12 0.63
CA SER D 265 -22.43 -5.41 1.88
C SER D 265 -21.21 -5.58 2.79
N GLY D 266 -20.88 -4.56 3.56
CA GLY D 266 -19.64 -4.72 4.30
C GLY D 266 -18.38 -4.23 3.62
N VAL D 267 -18.46 -3.92 2.32
CA VAL D 267 -17.28 -3.52 1.53
C VAL D 267 -17.39 -2.11 1.03
N THR D 268 -16.54 -1.25 1.55
CA THR D 268 -16.57 0.15 1.16
C THR D 268 -15.20 0.78 1.31
N GLY D 269 -14.97 1.85 0.55
CA GLY D 269 -13.70 2.55 0.56
C GLY D 269 -12.64 1.74 -0.15
N GLU D 270 -13.10 0.72 -0.85
CA GLU D 270 -12.22 -0.24 -1.50
C GLU D 270 -11.96 0.09 -2.99
N ASN D 271 -10.88 -0.49 -3.52
CA ASN D 271 -10.52 -0.46 -4.93
C ASN D 271 -10.26 -1.91 -5.45
N ILE D 272 -11.16 -2.44 -6.26
CA ILE D 272 -10.98 -3.80 -6.84
C ILE D 272 -10.35 -3.72 -8.23
N HIS D 273 -9.21 -4.39 -8.37
CA HIS D 273 -8.48 -4.43 -9.63
C HIS D 273 -9.05 -5.56 -10.49
N VAL D 274 -9.72 -5.18 -11.57
CA VAL D 274 -10.12 -6.12 -12.62
C VAL D 274 -9.15 -5.93 -13.80
N ASP D 275 -8.04 -6.68 -13.74
CA ASP D 275 -6.87 -6.34 -14.53
C ASP D 275 -5.94 -7.52 -14.74
N SER D 276 -6.44 -8.71 -14.43
CA SER D 276 -5.69 -9.91 -14.73
C SER D 276 -4.54 -10.05 -13.78
N GLY D 277 -4.59 -9.26 -12.69
CA GLY D 277 -3.63 -9.42 -11.63
C GLY D 277 -2.33 -8.67 -11.90
N PHE D 278 -2.32 -7.91 -12.99
CA PHE D 278 -1.17 -7.03 -13.27
C PHE D 278 -0.76 -6.17 -12.04
N HIS D 279 -1.76 -5.71 -11.28
CA HIS D 279 -1.49 -4.88 -10.12
C HIS D 279 -0.60 -5.57 -9.07
N ALA D 280 -0.61 -6.89 -9.03
CA ALA D 280 -0.05 -7.57 -7.88
C ALA D 280 1.38 -7.97 -8.16
N ILE D 281 1.91 -7.56 -9.31
CA ILE D 281 3.23 -8.01 -9.78
C ILE D 281 4.17 -6.84 -10.04
N LYS D 282 5.46 -7.13 -10.01
CA LYS D 282 6.49 -6.14 -10.26
C LYS D 282 7.65 -6.78 -11.05
PA NDP E . -12.36 -20.66 13.77
O1A NDP E . -11.81 -21.14 15.05
O2A NDP E . -13.85 -20.79 13.51
O5B NDP E . -11.64 -21.36 12.52
C5B NDP E . -10.29 -21.78 12.65
C4B NDP E . -10.17 -23.12 11.97
O4B NDP E . -8.78 -23.45 11.75
C3B NDP E . -10.77 -24.30 12.75
O3B NDP E . -11.74 -25.00 11.97
C2B NDP E . -9.57 -25.19 13.03
O2B NDP E . -9.91 -26.59 13.08
C1B NDP E . -8.67 -24.86 11.86
N9A NDP E . -7.27 -25.24 12.03
C8A NDP E . -6.36 -24.81 12.97
N7A NDP E . -5.23 -25.47 12.95
C5A NDP E . -5.39 -26.37 11.90
C6A NDP E . -4.55 -27.38 11.38
N6A NDP E . -3.31 -27.62 11.81
N1A NDP E . -5.05 -28.15 10.39
C2A NDP E . -6.29 -27.92 9.94
N3A NDP E . -7.16 -26.99 10.35
C4A NDP E . -6.64 -26.24 11.34
O3 NDP E . -11.93 -19.15 13.80
PN NDP E . -12.21 -18.09 12.59
O1N NDP E . -13.44 -18.63 11.98
O2N NDP E . -12.21 -16.72 13.30
O5D NDP E . -10.98 -17.86 11.60
C5D NDP E . -10.93 -18.42 10.29
C4D NDP E . -9.92 -17.60 9.53
O4D NDP E . -10.27 -16.20 9.61
C3D NDP E . -8.47 -17.68 10.04
O3D NDP E . -7.57 -17.61 8.93
C2D NDP E . -8.37 -16.45 10.92
O2D NDP E . -7.04 -16.02 11.20
C1D NDP E . -9.15 -15.46 10.06
N1N NDP E . -9.68 -14.18 10.59
C2N NDP E . -10.47 -14.13 11.77
C3N NDP E . -10.96 -12.98 12.26
C7N NDP E . -11.91 -13.03 13.46
O7N NDP E . -12.34 -11.95 13.90
N7N NDP E . -12.23 -14.19 14.02
C4N NDP E . -10.63 -11.69 11.59
C5N NDP E . -9.97 -11.83 10.26
C6N NDP E . -9.51 -12.99 9.82
P2B NDP E . -10.01 -27.35 14.50
O1X NDP E . -8.66 -27.49 15.13
O2X NDP E . -10.92 -26.39 15.32
O3X NDP E . -10.69 -28.67 14.17
O1 PT6 F . -6.97 -13.95 12.88
C18 PT6 F . -7.77 -13.61 13.76
N1 PT6 F . -8.30 -14.56 14.63
C7 PT6 F . -7.93 -15.99 14.48
C6 PT6 F . -6.94 -16.45 15.51
C5 PT6 F . -6.43 -15.52 16.41
C4 PT6 F . -5.62 -15.91 17.47
C3 PT6 F . -5.28 -17.25 17.63
C2 PT6 F . -5.75 -18.22 16.73
N PT6 F . -5.38 -19.55 16.92
C1 PT6 F . -6.58 -17.80 15.64
C PT6 F . -6.98 -18.81 14.58
C17 PT6 F . -8.16 -12.26 13.99
C10 PT6 F . -8.99 -11.94 15.02
C9 PT6 F . -9.52 -12.95 15.88
C8 PT6 F . -9.17 -14.23 15.65
O PT6 F . -9.38 -10.66 15.37
C11 PT6 F . -8.83 -9.50 14.66
C12 PT6 F . -8.84 -8.43 15.72
C13 PT6 F . -7.70 -8.57 16.76
S PT6 F . -7.63 -9.93 17.81
C16 PT6 F . -6.18 -9.39 18.52
C15 PT6 F . -5.73 -8.21 18.00
C14 PT6 F . -6.60 -7.72 16.97
S SO4 G . -9.65 -7.42 25.08
O1 SO4 G . -10.35 -8.68 24.81
O2 SO4 G . -9.45 -7.27 26.52
O3 SO4 G . -8.36 -7.42 24.40
O4 SO4 G . -10.45 -6.30 24.60
PA NDP H . 25.46 -11.93 1.11
O1A NDP H . 25.48 -13.39 0.89
O2A NDP H . 26.68 -11.05 0.96
O5B NDP H . 24.96 -11.73 2.63
C5B NDP H . 23.97 -12.61 3.21
C4B NDP H . 24.52 -12.96 4.56
O4B NDP H . 23.63 -13.86 5.27
C3B NDP H . 25.90 -13.63 4.57
O3B NDP H . 26.77 -12.87 5.41
C2B NDP H . 25.66 -14.97 5.25
O2B NDP H . 26.84 -15.31 6.00
C1B NDP H . 24.44 -14.65 6.11
N9A NDP H . 23.64 -15.71 6.71
C8A NDP H . 22.91 -16.69 6.07
N7A NDP H . 22.35 -17.55 6.89
C5A NDP H . 22.75 -17.12 8.15
C6A NDP H . 22.57 -17.67 9.44
N6A NDP H . 21.88 -18.78 9.70
N1A NDP H . 23.15 -17.02 10.47
C2A NDP H . 23.81 -15.88 10.23
N3A NDP H . 24.04 -15.28 9.07
C4A NDP H . 23.51 -15.97 8.05
O3 NDP H . 24.33 -11.40 0.10
PN NDP H . 23.57 -9.96 0.14
O1N NDP H . 24.59 -9.10 0.78
O2N NDP H . 23.00 -9.59 -1.19
O5D NDP H . 22.20 -9.99 1.00
C5D NDP H . 22.10 -9.16 2.18
C4D NDP H . 20.65 -8.87 2.47
O4D NDP H . 20.10 -8.05 1.42
C3D NDP H . 19.73 -10.08 2.55
O3D NDP H . 18.80 -9.83 3.59
C2D NDP H . 19.05 -10.10 1.18
O2D NDP H . 17.82 -10.79 1.28
C1D NDP H . 18.90 -8.60 0.95
N1N NDP H . 18.76 -8.08 -0.40
C2N NDP H . 19.69 -8.38 -1.43
C3N NDP H . 19.52 -7.88 -2.67
C7N NDP H . 20.49 -8.29 -3.73
O7N NDP H . 20.22 -8.02 -4.92
N7N NDP H . 21.55 -9.02 -3.38
C4N NDP H . 18.36 -7.00 -3.06
C5N NDP H . 17.53 -6.65 -1.87
C6N NDP H . 17.72 -7.16 -0.67
P2B NDP H . 27.33 -16.80 6.10
O1X NDP H . 26.34 -17.75 6.67
O2X NDP H . 27.71 -16.95 4.64
O3X NDP H . 28.59 -16.75 6.95
O1 PT6 I . 17.40 -11.48 -1.45
C18 PT6 I . 18.04 -11.32 -2.49
N1 PT6 I . 19.27 -11.94 -2.64
C7 PT6 I . 19.79 -12.76 -1.54
C6 PT6 I . 19.34 -14.20 -1.60
C5 PT6 I . 18.50 -14.64 -2.61
C4 PT6 I . 18.15 -15.98 -2.70
C3 PT6 I . 18.64 -16.89 -1.78
C2 PT6 I . 19.47 -16.49 -0.73
N PT6 I . 19.95 -17.41 0.18
C1 PT6 I . 19.80 -15.11 -0.63
C PT6 I . 20.56 -14.62 0.60
C17 PT6 I . 17.58 -10.56 -3.61
C10 PT6 I . 18.31 -10.49 -4.76
C9 PT6 I . 19.58 -11.14 -4.86
C8 PT6 I . 20.01 -11.83 -3.79
O PT6 I . 17.93 -9.89 -5.91
C11 PT6 I . 16.59 -9.39 -6.06
C12 PT6 I . 16.32 -9.46 -7.55
C13 PT6 I . 15.70 -10.77 -7.97
S PT6 I . 16.55 -12.23 -7.70
C16 PT6 I . 15.25 -13.18 -8.36
C15 PT6 I . 14.24 -12.40 -8.77
C14 PT6 I . 14.48 -10.98 -8.56
S SO4 J . 18.66 -14.41 -15.09
O1 SO4 J . 18.18 -15.77 -14.84
O2 SO4 J . 19.65 -14.08 -14.05
O3 SO4 J . 19.25 -14.34 -16.42
O4 SO4 J . 17.56 -13.46 -15.07
C1 EDO K . 16.42 6.81 18.96
O1 EDO K . 15.21 6.81 18.23
C2 EDO K . 17.60 6.76 17.99
O2 EDO K . 17.53 7.88 17.12
PA NDP L . 2.55 27.21 7.46
O1A NDP L . 1.31 28.00 7.55
O2A NDP L . 3.81 27.61 8.25
O5B NDP L . 3.08 27.05 5.90
C5B NDP L . 2.22 27.06 4.74
C4B NDP L . 2.87 27.99 3.74
O4B NDP L . 2.26 27.88 2.43
C3B NDP L . 2.79 29.48 4.12
O3B NDP L . 4.10 30.03 4.16
C2B NDP L . 2.03 30.11 2.96
O2B NDP L . 2.53 31.44 2.63
C1B NDP L . 2.35 29.15 1.82
N9A NDP L . 1.35 29.28 0.77
C8A NDP L . 0.00 29.09 0.88
N7A NDP L . -0.68 29.46 -0.18
C5A NDP L . 0.30 29.93 -1.05
C6A NDP L . 0.23 30.47 -2.35
N6A NDP L . -0.91 30.77 -2.96
N1A NDP L . 1.41 30.79 -2.96
C2A NDP L . 2.55 30.61 -2.28
N3A NDP L . 2.72 30.13 -1.04
C4A NDP L . 1.55 29.79 -0.48
O3 NDP L . 2.08 25.82 8.10
PN NDP L . 2.76 24.43 7.67
O1N NDP L . 4.20 24.69 7.92
O2N NDP L . 1.94 23.47 8.49
O5D NDP L . 2.56 24.01 6.16
C5D NDP L . 3.66 23.61 5.32
C4D NDP L . 3.33 22.34 4.57
O4D NDP L . 3.40 21.21 5.46
C3D NDP L . 1.94 22.28 3.93
O3D NDP L . 1.98 21.53 2.72
C2D NDP L . 1.16 21.43 4.92
O2D NDP L . 0.07 20.75 4.31
C1D NDP L . 2.23 20.43 5.31
N1N NDP L . 1.90 19.63 6.49
C2N NDP L . 1.59 20.25 7.72
C3N NDP L . 1.27 19.52 8.79
C7N NDP L . 0.92 20.22 10.03
O7N NDP L . 0.42 19.54 10.95
N7N NDP L . 1.01 21.54 10.11
C4N NDP L . 1.20 18.01 8.75
C5N NDP L . 1.73 17.48 7.49
C6N NDP L . 2.03 18.22 6.45
P2B NDP L . 1.67 32.80 2.73
O1X NDP L . 0.48 32.90 1.84
O2X NDP L . 1.23 32.79 4.22
O3X NDP L . 2.78 33.85 2.40
O1 PT6 M . -1.89 19.84 5.86
C18 PT6 M . -2.01 20.09 7.06
N1 PT6 M . -2.05 21.43 7.49
C7 PT6 M . -1.94 22.50 6.48
C6 PT6 M . -3.29 23.09 6.12
C5 PT6 M . -4.43 22.54 6.73
C4 PT6 M . -5.67 23.12 6.54
C3 PT6 M . -5.82 24.25 5.75
C2 PT6 M . -4.70 24.83 5.10
N PT6 M . -4.85 26.00 4.42
C1 PT6 M . -3.42 24.20 5.28
C PT6 M . -2.23 24.77 4.56
C17 PT6 M . -2.15 19.10 8.07
C10 PT6 M . -2.35 19.46 9.38
C9 PT6 M . -2.38 20.83 9.76
C8 PT6 M . -2.23 21.76 8.80
O PT6 M . -2.62 18.60 10.42
C11 PT6 M . -2.89 17.22 10.06
C12 PT6 M . -3.66 16.69 11.25
C13 PT6 M . -5.17 16.73 10.99
S PT6 M . -5.92 18.25 10.77
C16 PT6 M . -7.48 17.51 10.57
C15 PT6 M . -7.41 16.16 10.66
C14 PT6 M . -6.07 15.70 10.90
S SO4 N . -10.26 19.03 17.21
O1 SO4 N . -11.51 19.18 16.46
O2 SO4 N . -10.42 19.40 18.62
O3 SO4 N . -9.85 17.63 17.13
O4 SO4 N . -9.25 19.89 16.58
PA NDP O . -15.27 6.37 -23.09
O1A NDP O . -14.53 7.36 -23.90
O2A NDP O . -16.25 5.37 -23.72
O5B NDP O . -16.17 7.02 -21.96
C5B NDP O . -15.81 8.24 -21.26
C4B NDP O . -17.09 9.02 -21.06
O4B NDP O . -16.85 10.22 -20.28
C3B NDP O . -17.75 9.49 -22.36
O3B NDP O . -19.10 9.02 -22.43
C2B NDP O . -17.67 11.01 -22.27
O2B NDP O . -18.78 11.71 -22.84
C1B NDP O . -17.73 11.20 -20.77
N9A NDP O . -17.38 12.53 -20.28
C8A NDP O . -16.22 13.25 -20.48
N7A NDP O . -16.26 14.47 -20.01
C5A NDP O . -17.53 14.57 -19.45
C6A NDP O . -18.23 15.63 -18.83
N6A NDP O . -17.69 16.82 -18.60
N1A NDP O . -19.51 15.42 -18.46
C2A NDP O . -20.04 14.21 -18.67
N3A NDP O . -19.49 13.13 -19.23
C4A NDP O . -18.21 13.38 -19.60
O3 NDP O . -13.98 5.55 -22.61
PN NDP O . -13.87 4.63 -21.29
O1N NDP O . -15.02 3.73 -21.46
O2N NDP O . -12.42 4.13 -21.32
O5D NDP O . -13.93 5.43 -19.91
C5D NDP O . -14.65 4.87 -18.79
C4D NDP O . -13.94 5.15 -17.47
O4D NDP O . -13.02 4.08 -17.14
C3D NDP O . -13.13 6.44 -17.42
O3D NDP O . -13.30 7.01 -16.12
C2D NDP O . -11.70 5.95 -17.65
O2D NDP O . -10.73 6.79 -17.07
C1D NDP O . -11.74 4.63 -16.89
N1N NDP O . -10.71 3.67 -17.31
C2N NDP O . -10.49 3.29 -18.72
C3N NDP O . -9.53 2.42 -19.06
C7N NDP O . -9.40 1.93 -20.46
O7N NDP O . -8.45 1.16 -20.69
N7N NDP O . -10.23 2.31 -21.41
C4N NDP O . -8.58 1.86 -18.05
C5N NDP O . -8.98 2.20 -16.65
C6N NDP O . -9.94 3.05 -16.31
P2B NDP O . -18.79 12.24 -24.33
O1X NDP O . -17.93 13.41 -24.64
O2X NDP O . -18.27 10.95 -25.01
O3X NDP O . -20.32 12.50 -24.50
O1 PT6 P . -8.27 6.51 -18.27
C18 PT6 P . -7.95 5.86 -19.28
N1 PT6 P . -8.59 6.10 -20.47
C7 PT6 P . -9.51 7.25 -20.57
C6 PT6 P . -8.87 8.47 -21.20
C5 PT6 P . -7.53 8.40 -21.59
C4 PT6 P . -6.94 9.46 -22.24
C3 PT6 P . -7.66 10.63 -22.49
C2 PT6 P . -9.00 10.75 -22.08
N PT6 P . -9.67 11.94 -22.26
C1 PT6 P . -9.60 9.64 -21.43
C PT6 P . -11.06 9.75 -21.01
C17 PT6 P . -6.97 4.81 -19.30
C10 PT6 P . -6.71 4.11 -20.42
C9 PT6 P . -7.42 4.35 -21.63
C8 PT6 P . -8.34 5.34 -21.60
O PT6 P . -5.75 3.16 -20.54
C11 PT6 P . -4.80 3.02 -19.46
C12 PT6 P . -3.58 2.43 -20.13
C13 PT6 P . -2.61 3.51 -20.50
S PT6 P . -3.06 4.74 -21.59
C16 PT6 P . -1.55 5.46 -21.50
C15 PT6 P . -0.73 4.80 -20.67
C14 PT6 P . -1.33 3.66 -20.08
C1 EDO Q . -36.68 10.83 -19.98
O1 EDO Q . -35.79 10.25 -20.93
C2 EDO Q . -37.66 9.77 -19.46
O2 EDO Q . -37.16 9.18 -18.25
#